data_1F9L
# 
_entry.id   1F9L 
# 
_audit_conform.dict_name       mmcif_pdbx.dic 
_audit_conform.dict_version    5.392 
_audit_conform.dict_location   http://mmcif.pdb.org/dictionaries/ascii/mmcif_pdbx.dic 
# 
loop_
_database_2.database_id 
_database_2.database_code 
_database_2.pdbx_database_accession 
_database_2.pdbx_DOI 
PDB   1F9L         pdb_00001f9l 10.2210/pdb1f9l/pdb 
RCSB  RCSB011412   ?            ?                   
WWPDB D_1000011412 ?            ?                   
# 
loop_
_pdbx_audit_revision_history.ordinal 
_pdbx_audit_revision_history.data_content_type 
_pdbx_audit_revision_history.major_revision 
_pdbx_audit_revision_history.minor_revision 
_pdbx_audit_revision_history.revision_date 
1 'Structure model' 1 0 2000-07-26 
2 'Structure model' 1 1 2008-01-08 
3 'Structure model' 1 2 2011-07-13 
4 'Structure model' 1 3 2022-02-23 
5 'Structure model' 1 4 2024-05-22 
# 
_pdbx_audit_revision_details.ordinal             1 
_pdbx_audit_revision_details.revision_ordinal    1 
_pdbx_audit_revision_details.data_content_type   'Structure model' 
_pdbx_audit_revision_details.provider            repository 
_pdbx_audit_revision_details.type                'Initial release' 
_pdbx_audit_revision_details.description         ? 
_pdbx_audit_revision_details.details             ? 
# 
loop_
_pdbx_audit_revision_group.ordinal 
_pdbx_audit_revision_group.revision_ordinal 
_pdbx_audit_revision_group.data_content_type 
_pdbx_audit_revision_group.group 
1 2 'Structure model' 'Version format compliance' 
2 3 'Structure model' 'Version format compliance' 
3 4 'Structure model' 'Data collection'           
4 4 'Structure model' 'Database references'       
5 4 'Structure model' 'Derived calculations'      
6 5 'Structure model' 'Data collection'           
# 
loop_
_pdbx_audit_revision_category.ordinal 
_pdbx_audit_revision_category.revision_ordinal 
_pdbx_audit_revision_category.data_content_type 
_pdbx_audit_revision_category.category 
1 4 'Structure model' database_2            
2 4 'Structure model' pdbx_nmr_software     
3 4 'Structure model' pdbx_struct_assembly  
4 4 'Structure model' pdbx_struct_oper_list 
5 5 'Structure model' chem_comp_atom        
6 5 'Structure model' chem_comp_bond        
# 
loop_
_pdbx_audit_revision_item.ordinal 
_pdbx_audit_revision_item.revision_ordinal 
_pdbx_audit_revision_item.data_content_type 
_pdbx_audit_revision_item.item 
1 4 'Structure model' '_database_2.pdbx_DOI'                
2 4 'Structure model' '_database_2.pdbx_database_accession' 
3 4 'Structure model' '_pdbx_nmr_software.name'             
# 
_pdbx_database_PDB_obs_spr.id               SPRSDE 
_pdbx_database_PDB_obs_spr.date             2009-07-28 
_pdbx_database_PDB_obs_spr.pdb_id           1F9L 
_pdbx_database_PDB_obs_spr.replace_pdb_id   1EOR 
_pdbx_database_PDB_obs_spr.details          ? 
# 
_pdbx_database_status.status_code                     REL 
_pdbx_database_status.entry_id                        1F9L 
_pdbx_database_status.recvd_initial_deposition_date   2000-07-11 
_pdbx_database_status.deposit_site                    RCSB 
_pdbx_database_status.process_site                    RCSB 
_pdbx_database_status.status_code_mr                  REL 
_pdbx_database_status.SG_entry                        . 
_pdbx_database_status.status_code_sf                  ? 
_pdbx_database_status.pdb_format_compatible           Y 
_pdbx_database_status.status_code_cs                  ? 
_pdbx_database_status.status_code_nmr_data            ? 
_pdbx_database_status.methods_development_category    ? 
# 
_pdbx_database_related.db_name        PDB 
_pdbx_database_related.db_id          1EOR 
_pdbx_database_related.details        'Solution structure of the 22-nucleotide without Cobalt(III)hexammine' 
_pdbx_database_related.content_type   unspecified 
# 
loop_
_audit_author.name 
_audit_author.pdbx_ordinal 
'Rudisser, S.'   1 
'Tinoco Jr., I.' 2 
# 
_citation.id                        primary 
_citation.title                     
'Solution structure of Cobalt(III)hexammine complexed to the GAAA tetraloop, and metal-ion binding to G.A mismatches.' 
_citation.journal_abbrev            J.Mol.Biol. 
_citation.journal_volume            295 
_citation.page_first                1211 
_citation.page_last                 1232 
_citation.year                      2000 
_citation.journal_id_ASTM           JMOBAK 
_citation.country                   UK 
_citation.journal_id_ISSN           0022-2836 
_citation.journal_id_CSD            0070 
_citation.book_publisher            ? 
_citation.pdbx_database_id_PubMed   10653698 
_citation.pdbx_database_id_DOI      10.1006/jmbi.1999.3421 
# 
loop_
_citation_author.citation_id 
_citation_author.name 
_citation_author.ordinal 
_citation_author.identifier_ORCID 
primary 'Rudisser, S.'   1 ? 
primary 'Tinoco Jr., I.' 2 ? 
# 
_entity.id                         1 
_entity.type                       polymer 
_entity.src_method                 syn 
_entity.pdbx_description           "5'-R(*GP*GP*CP*GP*AP*AP*GP*UP*CP*GP*AP*AP*AP*GP*AP*UP*GP*GP*CP*GP*CP*CP*)-3'" 
_entity.formula_weight             7175.371 
_entity.pdbx_number_of_molecules   1 
_entity.pdbx_ec                    ? 
_entity.pdbx_mutation              ? 
_entity.pdbx_fragment              'P5ABC DOMAIN' 
_entity.details                    ? 
# 
_entity_poly.entity_id                      1 
_entity_poly.type                           polyribonucleotide 
_entity_poly.nstd_linkage                   no 
_entity_poly.nstd_monomer                   no 
_entity_poly.pdbx_seq_one_letter_code       GGCGAAGUCGAAAGAUGGCGCC 
_entity_poly.pdbx_seq_one_letter_code_can   GGCGAAGUCGAAAGAUGGCGCC 
_entity_poly.pdbx_strand_id                 A 
_entity_poly.pdbx_target_identifier         ? 
# 
loop_
_entity_poly_seq.entity_id 
_entity_poly_seq.num 
_entity_poly_seq.mon_id 
_entity_poly_seq.hetero 
1 1  G n 
1 2  G n 
1 3  C n 
1 4  G n 
1 5  A n 
1 6  A n 
1 7  G n 
1 8  U n 
1 9  C n 
1 10 G n 
1 11 A n 
1 12 A n 
1 13 A n 
1 14 G n 
1 15 A n 
1 16 U n 
1 17 G n 
1 18 G n 
1 19 C n 
1 20 G n 
1 21 C n 
1 22 C n 
# 
_pdbx_entity_src_syn.entity_id              1 
_pdbx_entity_src_syn.pdbx_src_id            1 
_pdbx_entity_src_syn.pdbx_alt_source_flag   sample 
_pdbx_entity_src_syn.pdbx_beg_seq_num       ? 
_pdbx_entity_src_syn.pdbx_end_seq_num       ? 
_pdbx_entity_src_syn.organism_scientific    ? 
_pdbx_entity_src_syn.organism_common_name   ? 
_pdbx_entity_src_syn.ncbi_taxonomy_id       ? 
_pdbx_entity_src_syn.details                
'The RNA was enzymatically synthesized from a synthetic RNA template using T7 RNA polymerase' 
# 
loop_
_chem_comp.id 
_chem_comp.type 
_chem_comp.mon_nstd_flag 
_chem_comp.name 
_chem_comp.pdbx_synonyms 
_chem_comp.formula 
_chem_comp.formula_weight 
A 'RNA linking' y "ADENOSINE-5'-MONOPHOSPHATE" ? 'C10 H14 N5 O7 P' 347.221 
C 'RNA linking' y "CYTIDINE-5'-MONOPHOSPHATE"  ? 'C9 H14 N3 O8 P'  323.197 
G 'RNA linking' y "GUANOSINE-5'-MONOPHOSPHATE" ? 'C10 H14 N5 O8 P' 363.221 
U 'RNA linking' y "URIDINE-5'-MONOPHOSPHATE"   ? 'C9 H13 N2 O9 P'  324.181 
# 
loop_
_pdbx_poly_seq_scheme.asym_id 
_pdbx_poly_seq_scheme.entity_id 
_pdbx_poly_seq_scheme.seq_id 
_pdbx_poly_seq_scheme.mon_id 
_pdbx_poly_seq_scheme.ndb_seq_num 
_pdbx_poly_seq_scheme.pdb_seq_num 
_pdbx_poly_seq_scheme.auth_seq_num 
_pdbx_poly_seq_scheme.pdb_mon_id 
_pdbx_poly_seq_scheme.auth_mon_id 
_pdbx_poly_seq_scheme.pdb_strand_id 
_pdbx_poly_seq_scheme.pdb_ins_code 
_pdbx_poly_seq_scheme.hetero 
A 1 1  G 1  1  1  G G A . n 
A 1 2  G 2  2  2  G G A . n 
A 1 3  C 3  3  3  C C A . n 
A 1 4  G 4  4  4  G G A . n 
A 1 5  A 5  5  5  A A A . n 
A 1 6  A 6  6  6  A A A . n 
A 1 7  G 7  7  7  G G A . n 
A 1 8  U 8  8  8  U U A . n 
A 1 9  C 9  9  9  C C A . n 
A 1 10 G 10 10 10 G G A . n 
A 1 11 A 11 11 11 A A A . n 
A 1 12 A 12 12 12 A A A . n 
A 1 13 A 13 13 13 A A A . n 
A 1 14 G 14 14 14 G G A . n 
A 1 15 A 15 15 15 A A A . n 
A 1 16 U 16 16 16 U U A . n 
A 1 17 G 17 17 17 G G A . n 
A 1 18 G 18 18 18 G G A . n 
A 1 19 C 19 19 19 C C A . n 
A 1 20 G 20 20 20 G G A . n 
A 1 21 C 21 21 21 C C A . n 
A 1 22 C 22 22 22 C C A . n 
# 
_cell.entry_id           1F9L 
_cell.length_a           1.000 
_cell.length_b           1.000 
_cell.length_c           1.000 
_cell.angle_alpha        90.00 
_cell.angle_beta         90.00 
_cell.angle_gamma        90.00 
_cell.Z_PDB              1 
_cell.pdbx_unique_axis   ? 
# 
_symmetry.entry_id                         1F9L 
_symmetry.space_group_name_H-M             'P 1' 
_symmetry.pdbx_full_space_group_name_H-M   ? 
_symmetry.cell_setting                     ? 
_symmetry.Int_Tables_number                1 
# 
_exptl.entry_id          1F9L 
_exptl.method            'SOLUTION NMR' 
_exptl.crystals_number   ? 
# 
_struct.entry_id                  1F9L 
_struct.title                     
;Solution Structure of a 22-Nucleotide Hairpin Similar to the P5ABC Region of a Group I Ribozyme with Cobalt(III)hexammine Complexed to the GAAA Tetraloop
;
_struct.pdbx_model_details        ? 
_struct.pdbx_CASP_flag            ? 
_struct.pdbx_model_type_details   'minimized average' 
# 
_struct_keywords.entry_id        1F9L 
_struct_keywords.pdbx_keywords   RNA 
_struct_keywords.text            
'GA mismatches, GAAA tetraloop, metal-ion binding, Cobalt(III)hexammine, hairpin, P5abc, group I intron, RNA' 
# 
_struct_asym.id                            A 
_struct_asym.pdbx_blank_PDB_chainid_flag   N 
_struct_asym.pdbx_modified                 N 
_struct_asym.entity_id                     1 
_struct_asym.details                       ? 
# 
_struct_ref.id                         1 
_struct_ref.entity_id                  1 
_struct_ref.db_name                    PDB 
_struct_ref.db_code                    1F9L 
_struct_ref.pdbx_db_accession          1F9L 
_struct_ref.pdbx_db_isoform            ? 
_struct_ref.pdbx_seq_one_letter_code   ? 
_struct_ref.pdbx_align_begin           ? 
# 
_struct_ref_seq.align_id                      1 
_struct_ref_seq.ref_id                        1 
_struct_ref_seq.pdbx_PDB_id_code              1F9L 
_struct_ref_seq.pdbx_strand_id                A 
_struct_ref_seq.seq_align_beg                 1 
_struct_ref_seq.pdbx_seq_align_beg_ins_code   ? 
_struct_ref_seq.seq_align_end                 22 
_struct_ref_seq.pdbx_seq_align_end_ins_code   ? 
_struct_ref_seq.pdbx_db_accession             1F9L 
_struct_ref_seq.db_align_beg                  1 
_struct_ref_seq.pdbx_db_align_beg_ins_code    ? 
_struct_ref_seq.db_align_end                  22 
_struct_ref_seq.pdbx_db_align_end_ins_code    ? 
_struct_ref_seq.pdbx_auth_seq_align_beg       1 
_struct_ref_seq.pdbx_auth_seq_align_end       22 
# 
_pdbx_struct_assembly.id                   1 
_pdbx_struct_assembly.details              author_defined_assembly 
_pdbx_struct_assembly.method_details       ? 
_pdbx_struct_assembly.oligomeric_details   monomeric 
_pdbx_struct_assembly.oligomeric_count     1 
# 
_pdbx_struct_assembly_gen.assembly_id       1 
_pdbx_struct_assembly_gen.oper_expression   1 
_pdbx_struct_assembly_gen.asym_id_list      A 
# 
_pdbx_struct_oper_list.id                   1 
_pdbx_struct_oper_list.type                 'identity operation' 
_pdbx_struct_oper_list.name                 1_555 
_pdbx_struct_oper_list.symmetry_operation   x,y,z 
_pdbx_struct_oper_list.matrix[1][1]         1.0000000000 
_pdbx_struct_oper_list.matrix[1][2]         0.0000000000 
_pdbx_struct_oper_list.matrix[1][3]         0.0000000000 
_pdbx_struct_oper_list.vector[1]            0.0000000000 
_pdbx_struct_oper_list.matrix[2][1]         0.0000000000 
_pdbx_struct_oper_list.matrix[2][2]         1.0000000000 
_pdbx_struct_oper_list.matrix[2][3]         0.0000000000 
_pdbx_struct_oper_list.vector[2]            0.0000000000 
_pdbx_struct_oper_list.matrix[3][1]         0.0000000000 
_pdbx_struct_oper_list.matrix[3][2]         0.0000000000 
_pdbx_struct_oper_list.matrix[3][3]         1.0000000000 
_pdbx_struct_oper_list.vector[3]            0.0000000000 
# 
_struct_biol.id   1 
# 
loop_
_struct_conn.id 
_struct_conn.conn_type_id 
_struct_conn.pdbx_leaving_atom_flag 
_struct_conn.pdbx_PDB_id 
_struct_conn.ptnr1_label_asym_id 
_struct_conn.ptnr1_label_comp_id 
_struct_conn.ptnr1_label_seq_id 
_struct_conn.ptnr1_label_atom_id 
_struct_conn.pdbx_ptnr1_label_alt_id 
_struct_conn.pdbx_ptnr1_PDB_ins_code 
_struct_conn.pdbx_ptnr1_standard_comp_id 
_struct_conn.ptnr1_symmetry 
_struct_conn.ptnr2_label_asym_id 
_struct_conn.ptnr2_label_comp_id 
_struct_conn.ptnr2_label_seq_id 
_struct_conn.ptnr2_label_atom_id 
_struct_conn.pdbx_ptnr2_label_alt_id 
_struct_conn.pdbx_ptnr2_PDB_ins_code 
_struct_conn.ptnr1_auth_asym_id 
_struct_conn.ptnr1_auth_comp_id 
_struct_conn.ptnr1_auth_seq_id 
_struct_conn.ptnr2_auth_asym_id 
_struct_conn.ptnr2_auth_comp_id 
_struct_conn.ptnr2_auth_seq_id 
_struct_conn.ptnr2_symmetry 
_struct_conn.pdbx_ptnr3_label_atom_id 
_struct_conn.pdbx_ptnr3_label_seq_id 
_struct_conn.pdbx_ptnr3_label_comp_id 
_struct_conn.pdbx_ptnr3_label_asym_id 
_struct_conn.pdbx_ptnr3_label_alt_id 
_struct_conn.pdbx_ptnr3_PDB_ins_code 
_struct_conn.details 
_struct_conn.pdbx_dist_value 
_struct_conn.pdbx_value_order 
_struct_conn.pdbx_role 
hydrog1  hydrog ? ? A G 1  N1 ? ? ? 1_555 A C 22 N3 ? ? A G 1  A C 22 1_555 ? ? ? ? ? ? WATSON-CRICK  ? ? ? 
hydrog2  hydrog ? ? A G 1  N2 ? ? ? 1_555 A C 22 O2 ? ? A G 1  A C 22 1_555 ? ? ? ? ? ? WATSON-CRICK  ? ? ? 
hydrog3  hydrog ? ? A G 1  O6 ? ? ? 1_555 A C 22 N4 ? ? A G 1  A C 22 1_555 ? ? ? ? ? ? WATSON-CRICK  ? ? ? 
hydrog4  hydrog ? ? A G 2  N1 ? ? ? 1_555 A C 21 N3 ? ? A G 2  A C 21 1_555 ? ? ? ? ? ? WATSON-CRICK  ? ? ? 
hydrog5  hydrog ? ? A G 2  N2 ? ? ? 1_555 A C 21 O2 ? ? A G 2  A C 21 1_555 ? ? ? ? ? ? WATSON-CRICK  ? ? ? 
hydrog6  hydrog ? ? A G 2  O6 ? ? ? 1_555 A C 21 N4 ? ? A G 2  A C 21 1_555 ? ? ? ? ? ? WATSON-CRICK  ? ? ? 
hydrog7  hydrog ? ? A C 3  N3 ? ? ? 1_555 A G 20 N1 ? ? A C 3  A G 20 1_555 ? ? ? ? ? ? WATSON-CRICK  ? ? ? 
hydrog8  hydrog ? ? A C 3  N4 ? ? ? 1_555 A G 20 O6 ? ? A C 3  A G 20 1_555 ? ? ? ? ? ? WATSON-CRICK  ? ? ? 
hydrog9  hydrog ? ? A C 3  O2 ? ? ? 1_555 A G 20 N2 ? ? A C 3  A G 20 1_555 ? ? ? ? ? ? WATSON-CRICK  ? ? ? 
hydrog10 hydrog ? ? A G 4  N1 ? ? ? 1_555 A C 19 N3 ? ? A G 4  A C 19 1_555 ? ? ? ? ? ? WATSON-CRICK  ? ? ? 
hydrog11 hydrog ? ? A G 4  N2 ? ? ? 1_555 A C 19 O2 ? ? A G 4  A C 19 1_555 ? ? ? ? ? ? WATSON-CRICK  ? ? ? 
hydrog12 hydrog ? ? A G 4  O6 ? ? ? 1_555 A C 19 N4 ? ? A G 4  A C 19 1_555 ? ? ? ? ? ? WATSON-CRICK  ? ? ? 
hydrog13 hydrog ? ? A A 5  N1 ? ? ? 1_555 A G 18 N1 ? ? A A 5  A G 18 1_555 ? ? ? ? ? ? TYPE_8_PAIR   ? ? ? 
hydrog14 hydrog ? ? A A 5  N6 ? ? ? 1_555 A G 18 O6 ? ? A A 5  A G 18 1_555 ? ? ? ? ? ? TYPE_8_PAIR   ? ? ? 
hydrog15 hydrog ? ? A A 6  N1 ? ? ? 1_555 A G 17 N1 ? ? A A 6  A G 17 1_555 ? ? ? ? ? ? TYPE_8_PAIR   ? ? ? 
hydrog16 hydrog ? ? A A 6  N6 ? ? ? 1_555 A G 17 O6 ? ? A A 6  A G 17 1_555 ? ? ? ? ? ? TYPE_8_PAIR   ? ? ? 
hydrog17 hydrog ? ? A G 7  N1 ? ? ? 1_555 A U 16 O2 ? ? A G 7  A U 16 1_555 ? ? ? ? ? ? TYPE_28_PAIR  ? ? ? 
hydrog18 hydrog ? ? A G 7  O6 ? ? ? 1_555 A U 16 N3 ? ? A G 7  A U 16 1_555 ? ? ? ? ? ? TYPE_28_PAIR  ? ? ? 
hydrog19 hydrog ? ? A U 8  N3 ? ? ? 1_555 A A 15 N1 ? ? A U 8  A A 15 1_555 ? ? ? ? ? ? WATSON-CRICK  ? ? ? 
hydrog20 hydrog ? ? A U 8  O4 ? ? ? 1_555 A A 15 N6 ? ? A U 8  A A 15 1_555 ? ? ? ? ? ? WATSON-CRICK  ? ? ? 
hydrog21 hydrog ? ? A C 9  N3 ? ? ? 1_555 A G 14 N1 ? ? A C 9  A G 14 1_555 ? ? ? ? ? ? WATSON-CRICK  ? ? ? 
hydrog22 hydrog ? ? A C 9  N4 ? ? ? 1_555 A G 14 O6 ? ? A C 9  A G 14 1_555 ? ? ? ? ? ? WATSON-CRICK  ? ? ? 
hydrog23 hydrog ? ? A C 9  O2 ? ? ? 1_555 A G 14 N2 ? ? A C 9  A G 14 1_555 ? ? ? ? ? ? WATSON-CRICK  ? ? ? 
hydrog24 hydrog ? ? A G 10 N2 ? ? ? 1_555 A A 13 N7 ? ? A G 10 A A 13 1_555 ? ? ? ? ? ? 'G-A MISPAIR' ? ? ? 
# 
_struct_conn_type.id          hydrog 
_struct_conn_type.criteria    ? 
_struct_conn_type.reference   ? 
# 
loop_
_pdbx_validate_close_contact.id 
_pdbx_validate_close_contact.PDB_model_num 
_pdbx_validate_close_contact.auth_atom_id_1 
_pdbx_validate_close_contact.auth_asym_id_1 
_pdbx_validate_close_contact.auth_comp_id_1 
_pdbx_validate_close_contact.auth_seq_id_1 
_pdbx_validate_close_contact.PDB_ins_code_1 
_pdbx_validate_close_contact.label_alt_id_1 
_pdbx_validate_close_contact.auth_atom_id_2 
_pdbx_validate_close_contact.auth_asym_id_2 
_pdbx_validate_close_contact.auth_comp_id_2 
_pdbx_validate_close_contact.auth_seq_id_2 
_pdbx_validate_close_contact.PDB_ins_code_2 
_pdbx_validate_close_contact.label_alt_id_2 
_pdbx_validate_close_contact.dist 
1 1 H61 A A 6 ? ? O6 A G 17 ? ? 1.51 
2 1 H61 A A 5 ? ? O6 A G 18 ? ? 1.55 
# 
_pdbx_nmr_ensemble.entry_id                                      1F9L 
_pdbx_nmr_ensemble.conformers_calculated_total_number            50 
_pdbx_nmr_ensemble.conformers_submitted_total_number             1 
_pdbx_nmr_ensemble.conformer_selection_criteria                  'structures with the least restraint violations' 
_pdbx_nmr_ensemble.average_constraints_per_residue               ? 
_pdbx_nmr_ensemble.average_constraint_violations_per_residue     ? 
_pdbx_nmr_ensemble.maximum_distance_constraint_violation         ? 
_pdbx_nmr_ensemble.average_distance_constraint_violation         ? 
_pdbx_nmr_ensemble.maximum_upper_distance_constraint_violation   ? 
_pdbx_nmr_ensemble.maximum_lower_distance_constraint_violation   ? 
_pdbx_nmr_ensemble.distance_constraint_violation_method          ? 
_pdbx_nmr_ensemble.maximum_torsion_angle_constraint_violation    ? 
_pdbx_nmr_ensemble.average_torsion_angle_constraint_violation    ? 
_pdbx_nmr_ensemble.torsion_angle_constraint_violation_method     ? 
# 
_pdbx_nmr_representative.entry_id             1F9L 
_pdbx_nmr_representative.conformer_id         1 
_pdbx_nmr_representative.selection_criteria   'minimized average structure' 
# 
_pdbx_nmr_sample_details.solution_id      1 
_pdbx_nmr_sample_details.contents         
;2.8 mM RNA, 10 mM sodium Phosphate, 200 mM NaCl, 0.1 mM EDTA pH 5.6, 
3.4 mM Cobalt(III)Hexammine
;
_pdbx_nmr_sample_details.solvent_system   '90% H2O/10% D2O' 
# 
_pdbx_nmr_exptl_sample_conditions.conditions_id       1 
_pdbx_nmr_exptl_sample_conditions.temperature         283 
_pdbx_nmr_exptl_sample_conditions.pressure            ambient 
_pdbx_nmr_exptl_sample_conditions.pH                  5.6 
_pdbx_nmr_exptl_sample_conditions.ionic_strength      '200 mM NaCl' 
_pdbx_nmr_exptl_sample_conditions.pressure_units      . 
_pdbx_nmr_exptl_sample_conditions.temperature_units   K 
# 
_pdbx_nmr_exptl.experiment_id   1 
_pdbx_nmr_exptl.conditions_id   1 
_pdbx_nmr_exptl.solution_id     1 
_pdbx_nmr_exptl.type            '2D NOESY' 
# 
_pdbx_nmr_details.entry_id   1F9L 
_pdbx_nmr_details.text       
;The structure of the complex was determined using 7 NOE constraints between Cobalt(III)Hexammine and the GAAA tetraloop. 
In addition, the same constraints as for the 22-nucleotide hairpin without Cobalt(III)hexammine were used. 
For RNA without Cobalt(III)Hexammine see entry 1EOR.
;
# 
_pdbx_nmr_refine.entry_id           1F9L 
_pdbx_nmr_refine.method             'restrained molecular dynamics,' 
_pdbx_nmr_refine.details            
;356 NOE constraints, 16 sugar pucker constraints, 93 torsion angle constraints, 7 constraints between Cobalt(III)Hexammine and the GAAA tetraloop
;
_pdbx_nmr_refine.software_ordinal   1 
# 
loop_
_pdbx_nmr_software.name 
_pdbx_nmr_software.version 
_pdbx_nmr_software.classification 
_pdbx_nmr_software.authors 
_pdbx_nmr_software.ordinal 
X-PLOR 3.1 'structure solution' Brunger 1 
Felix  95  'data analysis'      MSI     2 
X-PLOR 3.1 refinement           Brunger 3 
# 
loop_
_chem_comp_atom.comp_id 
_chem_comp_atom.atom_id 
_chem_comp_atom.type_symbol 
_chem_comp_atom.pdbx_aromatic_flag 
_chem_comp_atom.pdbx_stereo_config 
_chem_comp_atom.pdbx_ordinal 
A OP3    O N N 1   
A P      P N N 2   
A OP1    O N N 3   
A OP2    O N N 4   
A "O5'"  O N N 5   
A "C5'"  C N N 6   
A "C4'"  C N R 7   
A "O4'"  O N N 8   
A "C3'"  C N S 9   
A "O3'"  O N N 10  
A "C2'"  C N R 11  
A "O2'"  O N N 12  
A "C1'"  C N R 13  
A N9     N Y N 14  
A C8     C Y N 15  
A N7     N Y N 16  
A C5     C Y N 17  
A C6     C Y N 18  
A N6     N N N 19  
A N1     N Y N 20  
A C2     C Y N 21  
A N3     N Y N 22  
A C4     C Y N 23  
A HOP3   H N N 24  
A HOP2   H N N 25  
A "H5'"  H N N 26  
A "H5''" H N N 27  
A "H4'"  H N N 28  
A "H3'"  H N N 29  
A "HO3'" H N N 30  
A "H2'"  H N N 31  
A "HO2'" H N N 32  
A "H1'"  H N N 33  
A H8     H N N 34  
A H61    H N N 35  
A H62    H N N 36  
A H2     H N N 37  
C OP3    O N N 38  
C P      P N N 39  
C OP1    O N N 40  
C OP2    O N N 41  
C "O5'"  O N N 42  
C "C5'"  C N N 43  
C "C4'"  C N R 44  
C "O4'"  O N N 45  
C "C3'"  C N S 46  
C "O3'"  O N N 47  
C "C2'"  C N R 48  
C "O2'"  O N N 49  
C "C1'"  C N R 50  
C N1     N N N 51  
C C2     C N N 52  
C O2     O N N 53  
C N3     N N N 54  
C C4     C N N 55  
C N4     N N N 56  
C C5     C N N 57  
C C6     C N N 58  
C HOP3   H N N 59  
C HOP2   H N N 60  
C "H5'"  H N N 61  
C "H5''" H N N 62  
C "H4'"  H N N 63  
C "H3'"  H N N 64  
C "HO3'" H N N 65  
C "H2'"  H N N 66  
C "HO2'" H N N 67  
C "H1'"  H N N 68  
C H41    H N N 69  
C H42    H N N 70  
C H5     H N N 71  
C H6     H N N 72  
G OP3    O N N 73  
G P      P N N 74  
G OP1    O N N 75  
G OP2    O N N 76  
G "O5'"  O N N 77  
G "C5'"  C N N 78  
G "C4'"  C N R 79  
G "O4'"  O N N 80  
G "C3'"  C N S 81  
G "O3'"  O N N 82  
G "C2'"  C N R 83  
G "O2'"  O N N 84  
G "C1'"  C N R 85  
G N9     N Y N 86  
G C8     C Y N 87  
G N7     N Y N 88  
G C5     C Y N 89  
G C6     C N N 90  
G O6     O N N 91  
G N1     N N N 92  
G C2     C N N 93  
G N2     N N N 94  
G N3     N N N 95  
G C4     C Y N 96  
G HOP3   H N N 97  
G HOP2   H N N 98  
G "H5'"  H N N 99  
G "H5''" H N N 100 
G "H4'"  H N N 101 
G "H3'"  H N N 102 
G "HO3'" H N N 103 
G "H2'"  H N N 104 
G "HO2'" H N N 105 
G "H1'"  H N N 106 
G H8     H N N 107 
G H1     H N N 108 
G H21    H N N 109 
G H22    H N N 110 
U OP3    O N N 111 
U P      P N N 112 
U OP1    O N N 113 
U OP2    O N N 114 
U "O5'"  O N N 115 
U "C5'"  C N N 116 
U "C4'"  C N R 117 
U "O4'"  O N N 118 
U "C3'"  C N S 119 
U "O3'"  O N N 120 
U "C2'"  C N R 121 
U "O2'"  O N N 122 
U "C1'"  C N R 123 
U N1     N N N 124 
U C2     C N N 125 
U O2     O N N 126 
U N3     N N N 127 
U C4     C N N 128 
U O4     O N N 129 
U C5     C N N 130 
U C6     C N N 131 
U HOP3   H N N 132 
U HOP2   H N N 133 
U "H5'"  H N N 134 
U "H5''" H N N 135 
U "H4'"  H N N 136 
U "H3'"  H N N 137 
U "HO3'" H N N 138 
U "H2'"  H N N 139 
U "HO2'" H N N 140 
U "H1'"  H N N 141 
U H3     H N N 142 
U H5     H N N 143 
U H6     H N N 144 
# 
loop_
_chem_comp_bond.comp_id 
_chem_comp_bond.atom_id_1 
_chem_comp_bond.atom_id_2 
_chem_comp_bond.value_order 
_chem_comp_bond.pdbx_aromatic_flag 
_chem_comp_bond.pdbx_stereo_config 
_chem_comp_bond.pdbx_ordinal 
A OP3   P      sing N N 1   
A OP3   HOP3   sing N N 2   
A P     OP1    doub N N 3   
A P     OP2    sing N N 4   
A P     "O5'"  sing N N 5   
A OP2   HOP2   sing N N 6   
A "O5'" "C5'"  sing N N 7   
A "C5'" "C4'"  sing N N 8   
A "C5'" "H5'"  sing N N 9   
A "C5'" "H5''" sing N N 10  
A "C4'" "O4'"  sing N N 11  
A "C4'" "C3'"  sing N N 12  
A "C4'" "H4'"  sing N N 13  
A "O4'" "C1'"  sing N N 14  
A "C3'" "O3'"  sing N N 15  
A "C3'" "C2'"  sing N N 16  
A "C3'" "H3'"  sing N N 17  
A "O3'" "HO3'" sing N N 18  
A "C2'" "O2'"  sing N N 19  
A "C2'" "C1'"  sing N N 20  
A "C2'" "H2'"  sing N N 21  
A "O2'" "HO2'" sing N N 22  
A "C1'" N9     sing N N 23  
A "C1'" "H1'"  sing N N 24  
A N9    C8     sing Y N 25  
A N9    C4     sing Y N 26  
A C8    N7     doub Y N 27  
A C8    H8     sing N N 28  
A N7    C5     sing Y N 29  
A C5    C6     sing Y N 30  
A C5    C4     doub Y N 31  
A C6    N6     sing N N 32  
A C6    N1     doub Y N 33  
A N6    H61    sing N N 34  
A N6    H62    sing N N 35  
A N1    C2     sing Y N 36  
A C2    N3     doub Y N 37  
A C2    H2     sing N N 38  
A N3    C4     sing Y N 39  
C OP3   P      sing N N 40  
C OP3   HOP3   sing N N 41  
C P     OP1    doub N N 42  
C P     OP2    sing N N 43  
C P     "O5'"  sing N N 44  
C OP2   HOP2   sing N N 45  
C "O5'" "C5'"  sing N N 46  
C "C5'" "C4'"  sing N N 47  
C "C5'" "H5'"  sing N N 48  
C "C5'" "H5''" sing N N 49  
C "C4'" "O4'"  sing N N 50  
C "C4'" "C3'"  sing N N 51  
C "C4'" "H4'"  sing N N 52  
C "O4'" "C1'"  sing N N 53  
C "C3'" "O3'"  sing N N 54  
C "C3'" "C2'"  sing N N 55  
C "C3'" "H3'"  sing N N 56  
C "O3'" "HO3'" sing N N 57  
C "C2'" "O2'"  sing N N 58  
C "C2'" "C1'"  sing N N 59  
C "C2'" "H2'"  sing N N 60  
C "O2'" "HO2'" sing N N 61  
C "C1'" N1     sing N N 62  
C "C1'" "H1'"  sing N N 63  
C N1    C2     sing N N 64  
C N1    C6     sing N N 65  
C C2    O2     doub N N 66  
C C2    N3     sing N N 67  
C N3    C4     doub N N 68  
C C4    N4     sing N N 69  
C C4    C5     sing N N 70  
C N4    H41    sing N N 71  
C N4    H42    sing N N 72  
C C5    C6     doub N N 73  
C C5    H5     sing N N 74  
C C6    H6     sing N N 75  
G OP3   P      sing N N 76  
G OP3   HOP3   sing N N 77  
G P     OP1    doub N N 78  
G P     OP2    sing N N 79  
G P     "O5'"  sing N N 80  
G OP2   HOP2   sing N N 81  
G "O5'" "C5'"  sing N N 82  
G "C5'" "C4'"  sing N N 83  
G "C5'" "H5'"  sing N N 84  
G "C5'" "H5''" sing N N 85  
G "C4'" "O4'"  sing N N 86  
G "C4'" "C3'"  sing N N 87  
G "C4'" "H4'"  sing N N 88  
G "O4'" "C1'"  sing N N 89  
G "C3'" "O3'"  sing N N 90  
G "C3'" "C2'"  sing N N 91  
G "C3'" "H3'"  sing N N 92  
G "O3'" "HO3'" sing N N 93  
G "C2'" "O2'"  sing N N 94  
G "C2'" "C1'"  sing N N 95  
G "C2'" "H2'"  sing N N 96  
G "O2'" "HO2'" sing N N 97  
G "C1'" N9     sing N N 98  
G "C1'" "H1'"  sing N N 99  
G N9    C8     sing Y N 100 
G N9    C4     sing Y N 101 
G C8    N7     doub Y N 102 
G C8    H8     sing N N 103 
G N7    C5     sing Y N 104 
G C5    C6     sing N N 105 
G C5    C4     doub Y N 106 
G C6    O6     doub N N 107 
G C6    N1     sing N N 108 
G N1    C2     sing N N 109 
G N1    H1     sing N N 110 
G C2    N2     sing N N 111 
G C2    N3     doub N N 112 
G N2    H21    sing N N 113 
G N2    H22    sing N N 114 
G N3    C4     sing N N 115 
U OP3   P      sing N N 116 
U OP3   HOP3   sing N N 117 
U P     OP1    doub N N 118 
U P     OP2    sing N N 119 
U P     "O5'"  sing N N 120 
U OP2   HOP2   sing N N 121 
U "O5'" "C5'"  sing N N 122 
U "C5'" "C4'"  sing N N 123 
U "C5'" "H5'"  sing N N 124 
U "C5'" "H5''" sing N N 125 
U "C4'" "O4'"  sing N N 126 
U "C4'" "C3'"  sing N N 127 
U "C4'" "H4'"  sing N N 128 
U "O4'" "C1'"  sing N N 129 
U "C3'" "O3'"  sing N N 130 
U "C3'" "C2'"  sing N N 131 
U "C3'" "H3'"  sing N N 132 
U "O3'" "HO3'" sing N N 133 
U "C2'" "O2'"  sing N N 134 
U "C2'" "C1'"  sing N N 135 
U "C2'" "H2'"  sing N N 136 
U "O2'" "HO2'" sing N N 137 
U "C1'" N1     sing N N 138 
U "C1'" "H1'"  sing N N 139 
U N1    C2     sing N N 140 
U N1    C6     sing N N 141 
U C2    O2     doub N N 142 
U C2    N3     sing N N 143 
U N3    C4     sing N N 144 
U N3    H3     sing N N 145 
U C4    O4     doub N N 146 
U C4    C5     sing N N 147 
U C5    C6     doub N N 148 
U C5    H5     sing N N 149 
U C6    H6     sing N N 150 
# 
loop_
_ndb_struct_conf_na.entry_id 
_ndb_struct_conf_na.feature 
1F9L 'double helix'         
1F9L 'a-form double helix'  
1F9L tetraloop              
1F9L 'mismatched base pair' 
# 
loop_
_ndb_struct_na_base_pair.model_number 
_ndb_struct_na_base_pair.i_label_asym_id 
_ndb_struct_na_base_pair.i_label_comp_id 
_ndb_struct_na_base_pair.i_label_seq_id 
_ndb_struct_na_base_pair.i_symmetry 
_ndb_struct_na_base_pair.j_label_asym_id 
_ndb_struct_na_base_pair.j_label_comp_id 
_ndb_struct_na_base_pair.j_label_seq_id 
_ndb_struct_na_base_pair.j_symmetry 
_ndb_struct_na_base_pair.shear 
_ndb_struct_na_base_pair.stretch 
_ndb_struct_na_base_pair.stagger 
_ndb_struct_na_base_pair.buckle 
_ndb_struct_na_base_pair.propeller 
_ndb_struct_na_base_pair.opening 
_ndb_struct_na_base_pair.pair_number 
_ndb_struct_na_base_pair.pair_name 
_ndb_struct_na_base_pair.i_auth_asym_id 
_ndb_struct_na_base_pair.i_auth_seq_id 
_ndb_struct_na_base_pair.i_PDB_ins_code 
_ndb_struct_na_base_pair.j_auth_asym_id 
_ndb_struct_na_base_pair.j_auth_seq_id 
_ndb_struct_na_base_pair.j_PDB_ins_code 
_ndb_struct_na_base_pair.hbond_type_28 
_ndb_struct_na_base_pair.hbond_type_12 
1 A G 1  1_555 A C 22 1_555 -0.014 -0.146 -0.317 29.668 20.355  -5.981  1  A_G1:C22_A  A 1  ? A 22 ? 19 1 
1 A G 2  1_555 A C 21 1_555 -0.430 -0.396 0.676  2.523  26.162  7.136   2  A_G2:C21_A  A 2  ? A 21 ? 19 1 
1 A C 3  1_555 A G 20 1_555 0.197  -0.282 -0.837 10.066 -17.715 3.509   3  A_C3:G20_A  A 3  ? A 20 ? 19 1 
1 A G 4  1_555 A C 19 1_555 0.382  -0.427 0.881  -3.547 -17.763 -18.929 4  A_G4:C19_A  A 4  ? A 19 ? 19 1 
1 A A 5  1_555 A G 18 1_555 0.043  1.123  -0.872 -6.105 0.510   -23.184 5  A_A5:G18_A  A 5  ? A 18 ? 8  ? 
1 A A 6  1_555 A G 17 1_555 0.107  1.247  -0.538 1.811  -5.291  -22.412 6  A_A6:G17_A  A 6  ? A 17 ? 8  ? 
1 A G 7  1_555 A U 16 1_555 -2.147 -0.370 -0.501 -4.341 -9.111  -5.401  7  A_G7:U16_A  A 7  ? A 16 ? 28 ? 
1 A U 8  1_555 A A 15 1_555 0.097  -0.044 -0.353 2.072  -0.802  -6.032  8  A_U8:A15_A  A 8  ? A 15 ? 20 1 
1 A C 9  1_555 A G 14 1_555 0.064  -0.172 0.008  20.290 -5.584  -3.456  9  A_C9:G14_A  A 9  ? A 14 ? 19 1 
1 A G 10 1_555 A A 13 1_555 7.104  -5.355 -1.176 31.387 7.842   -63.956 10 A_G10:A13_A A 10 ? A 13 ? ?  ? 
# 
loop_
_ndb_struct_na_base_pair_step.model_number 
_ndb_struct_na_base_pair_step.i_label_asym_id_1 
_ndb_struct_na_base_pair_step.i_label_comp_id_1 
_ndb_struct_na_base_pair_step.i_label_seq_id_1 
_ndb_struct_na_base_pair_step.i_symmetry_1 
_ndb_struct_na_base_pair_step.j_label_asym_id_1 
_ndb_struct_na_base_pair_step.j_label_comp_id_1 
_ndb_struct_na_base_pair_step.j_label_seq_id_1 
_ndb_struct_na_base_pair_step.j_symmetry_1 
_ndb_struct_na_base_pair_step.i_label_asym_id_2 
_ndb_struct_na_base_pair_step.i_label_comp_id_2 
_ndb_struct_na_base_pair_step.i_label_seq_id_2 
_ndb_struct_na_base_pair_step.i_symmetry_2 
_ndb_struct_na_base_pair_step.j_label_asym_id_2 
_ndb_struct_na_base_pair_step.j_label_comp_id_2 
_ndb_struct_na_base_pair_step.j_label_seq_id_2 
_ndb_struct_na_base_pair_step.j_symmetry_2 
_ndb_struct_na_base_pair_step.shift 
_ndb_struct_na_base_pair_step.slide 
_ndb_struct_na_base_pair_step.rise 
_ndb_struct_na_base_pair_step.tilt 
_ndb_struct_na_base_pair_step.roll 
_ndb_struct_na_base_pair_step.twist 
_ndb_struct_na_base_pair_step.x_displacement 
_ndb_struct_na_base_pair_step.y_displacement 
_ndb_struct_na_base_pair_step.helical_rise 
_ndb_struct_na_base_pair_step.inclination 
_ndb_struct_na_base_pair_step.tip 
_ndb_struct_na_base_pair_step.helical_twist 
_ndb_struct_na_base_pair_step.step_number 
_ndb_struct_na_base_pair_step.step_name 
_ndb_struct_na_base_pair_step.i_auth_asym_id_1 
_ndb_struct_na_base_pair_step.i_auth_seq_id_1 
_ndb_struct_na_base_pair_step.i_PDB_ins_code_1 
_ndb_struct_na_base_pair_step.j_auth_asym_id_1 
_ndb_struct_na_base_pair_step.j_auth_seq_id_1 
_ndb_struct_na_base_pair_step.j_PDB_ins_code_1 
_ndb_struct_na_base_pair_step.i_auth_asym_id_2 
_ndb_struct_na_base_pair_step.i_auth_seq_id_2 
_ndb_struct_na_base_pair_step.i_PDB_ins_code_2 
_ndb_struct_na_base_pair_step.j_auth_asym_id_2 
_ndb_struct_na_base_pair_step.j_auth_seq_id_2 
_ndb_struct_na_base_pair_step.j_PDB_ins_code_2 
1 A G 1 1_555 A C 22 1_555 A G 2  1_555 A C 21 1_555 1.065  -0.598 6.124 -9.796 -6.023  22.761 1.811  -7.569 5.217 -14.160 23.029  
25.467 1 AA_G1G2:C21C22_AA  A 1 ? A 22 ? A 2  ? A 21 ? 
1 A G 2 1_555 A C 21 1_555 A C 3  1_555 A G 20 1_555 0.743  -2.087 2.908 12.339 16.037  34.855 -4.503 0.044  1.951 24.399  -18.774 
40.145 2 AA_G2C3:G20C21_AA  A 2 ? A 21 ? A 3  ? A 20 ? 
1 A C 3 1_555 A G 20 1_555 A G 4  1_555 A C 19 1_555 -2.712 -1.585 3.945 -8.779 -0.888  32.183 -2.567 2.797  4.548 -1.565  15.477  
33.340 3 AA_C3G4:C19G20_AA  A 3 ? A 20 ? A 4  ? A 19 ? 
1 A G 4 1_555 A C 19 1_555 A A 5  1_555 A G 18 1_555 0.983  -2.023 3.555 10.529 -5.245  25.609 -2.676 0.958  3.973 -11.115 -22.315 
28.140 4 AA_G4A5:G18C19_AA  A 4 ? A 19 ? A 5  ? A 18 ? 
1 A A 5 1_555 A G 18 1_555 A A 6  1_555 A G 17 1_555 -0.188 -2.046 3.154 -0.764 7.862   25.806 -6.144 0.232  2.439 17.100  1.663   
26.968 5 AA_A5A6:G17G18_AA  A 5 ? A 18 ? A 6  ? A 17 ? 
1 A A 6 1_555 A G 17 1_555 A G 7  1_555 A U 16 1_555 1.859  -0.705 3.763 -0.917 10.676  29.918 -3.462 -3.586 3.268 19.893  1.709   
31.738 6 AA_A6G7:U16G17_AA  A 6 ? A 17 ? A 7  ? A 16 ? 
1 A G 7 1_555 A U 16 1_555 A U 8  1_555 A A 15 1_555 -1.236 -2.032 3.088 -2.931 10.754  34.844 -4.535 1.620  2.467 17.416  4.747   
36.531 7 AA_G7U8:A15U16_AA  A 7 ? A 16 ? A 8  ? A 15 ? 
1 A U 8 1_555 A A 15 1_555 A C 9  1_555 A G 14 1_555 0.224  -0.932 3.623 -2.490 -18.192 27.515 2.063  -0.902 3.523 -33.885 4.638   
32.981 8 AA_U8C9:G14A15_AA  A 8 ? A 15 ? A 9  ? A 14 ? 
1 A C 9 1_555 A G 14 1_555 A G 10 1_555 A A 13 1_555 -3.903 -1.230 4.196 13.186 13.447  64.530 -1.722 4.134  3.156 12.322  -12.084 
66.936 9 AA_C9G10:A13G14_AA A 9 ? A 14 ? A 10 ? A 13 ? 
# 
loop_
_pdbx_nmr_spectrometer.spectrometer_id 
_pdbx_nmr_spectrometer.type 
_pdbx_nmr_spectrometer.manufacturer 
_pdbx_nmr_spectrometer.model 
_pdbx_nmr_spectrometer.field_strength 
1 ? Bruker AMX 600 
2 ? Bruker DRX 500 
# 
_atom_sites.entry_id                    1F9L 
_atom_sites.fract_transf_matrix[1][1]   1.000000 
_atom_sites.fract_transf_matrix[1][2]   0.000000 
_atom_sites.fract_transf_matrix[1][3]   0.000000 
_atom_sites.fract_transf_matrix[2][1]   0.000000 
_atom_sites.fract_transf_matrix[2][2]   1.000000 
_atom_sites.fract_transf_matrix[2][3]   0.000000 
_atom_sites.fract_transf_matrix[3][1]   0.000000 
_atom_sites.fract_transf_matrix[3][2]   0.000000 
_atom_sites.fract_transf_matrix[3][3]   1.000000 
_atom_sites.fract_transf_vector[1]      0.00000 
_atom_sites.fract_transf_vector[2]      0.00000 
_atom_sites.fract_transf_vector[3]      0.00000 
# 
loop_
_atom_type.symbol 
C 
H 
N 
O 
P 
# 
loop_
_atom_site.group_PDB 
_atom_site.id 
_atom_site.type_symbol 
_atom_site.label_atom_id 
_atom_site.label_alt_id 
_atom_site.label_comp_id 
_atom_site.label_asym_id 
_atom_site.label_entity_id 
_atom_site.label_seq_id 
_atom_site.pdbx_PDB_ins_code 
_atom_site.Cartn_x 
_atom_site.Cartn_y 
_atom_site.Cartn_z 
_atom_site.occupancy 
_atom_site.B_iso_or_equiv 
_atom_site.pdbx_formal_charge 
_atom_site.auth_seq_id 
_atom_site.auth_comp_id 
_atom_site.auth_asym_id 
_atom_site.auth_atom_id 
_atom_site.pdbx_PDB_model_num 
ATOM 1   O "O5'"  . G A 1 1  ? -2.691  -4.239  20.104  1.00 0.00 ? 1  G A "O5'"  1 
ATOM 2   C "C5'"  . G A 1 1  ? -3.860  -5.033  19.894  1.00 0.00 ? 1  G A "C5'"  1 
ATOM 3   C "C4'"  . G A 1 1  ? -4.793  -4.396  18.869  1.00 0.00 ? 1  G A "C4'"  1 
ATOM 4   O "O4'"  . G A 1 1  ? -5.207  -3.113  19.344  1.00 0.00 ? 1  G A "O4'"  1 
ATOM 5   C "C3'"  . G A 1 1  ? -4.154  -4.111  17.523  1.00 0.00 ? 1  G A "C3'"  1 
ATOM 6   O "O3'"  . G A 1 1  ? -4.468  -5.226  16.678  1.00 0.00 ? 1  G A "O3'"  1 
ATOM 7   C "C2'"  . G A 1 1  ? -4.939  -2.924  16.989  1.00 0.00 ? 1  G A "C2'"  1 
ATOM 8   O "O2'"  . G A 1 1  ? -6.063  -3.370  16.230  1.00 0.00 ? 1  G A "O2'"  1 
ATOM 9   C "C1'"  . G A 1 1  ? -5.409  -2.206  18.250  1.00 0.00 ? 1  G A "C1'"  1 
ATOM 10  N N9     . G A 1 1  ? -4.659  -0.958  18.504  1.00 0.00 ? 1  G A N9     1 
ATOM 11  C C8     . G A 1 1  ? -3.303  -0.770  18.574  1.00 0.00 ? 1  G A C8     1 
ATOM 12  N N7     . G A 1 1  ? -2.958  0.470   18.790  1.00 0.00 ? 1  G A N7     1 
ATOM 13  C C5     . G A 1 1  ? -4.170  1.150   18.866  1.00 0.00 ? 1  G A C5     1 
ATOM 14  C C6     . G A 1 1  ? -4.431  2.532   19.085  1.00 0.00 ? 1  G A C6     1 
ATOM 15  O O6     . G A 1 1  ? -3.624  3.444   19.252  1.00 0.00 ? 1  G A O6     1 
ATOM 16  N N1     . G A 1 1  ? -5.791  2.800   19.090  1.00 0.00 ? 1  G A N1     1 
ATOM 17  C C2     . G A 1 1  ? -6.781  1.861   18.908  1.00 0.00 ? 1  G A C2     1 
ATOM 18  N N2     . G A 1 1  ? -8.041  2.294   18.944  1.00 0.00 ? 1  G A N2     1 
ATOM 19  N N3     . G A 1 1  ? -6.546  0.564   18.701  1.00 0.00 ? 1  G A N3     1 
ATOM 20  C C4     . G A 1 1  ? -5.220  0.283   18.692  1.00 0.00 ? 1  G A C4     1 
ATOM 21  H "H5'"  . G A 1 1  ? -4.391  -5.143  20.842  1.00 0.00 ? 1  G A "H5'"  1 
ATOM 22  H "H5''" . G A 1 1  ? -3.561  -6.019  19.537  1.00 0.00 ? 1  G A "H5''" 1 
ATOM 23  H "H4'"  . G A 1 1  ? -5.671  -5.029  18.749  1.00 0.00 ? 1  G A "H4'"  1 
ATOM 24  H "H3'"  . G A 1 1  ? -3.080  -3.932  17.579  1.00 0.00 ? 1  G A "H3'"  1 
ATOM 25  H "H2'"  . G A 1 1  ? -4.295  -2.273  16.399  1.00 0.00 ? 1  G A "H2'"  1 
ATOM 26  H "HO2'" . G A 1 1  ? -5.983  -4.322  16.132  1.00 0.00 ? 1  G A "HO2'" 1 
ATOM 27  H "H1'"  . G A 1 1  ? -6.470  -1.973  18.173  1.00 0.00 ? 1  G A "H1'"  1 
ATOM 28  H H8     . G A 1 1  ? -2.582  -1.578  18.457  1.00 0.00 ? 1  G A H8     1 
ATOM 29  H H1     . G A 1 1  ? -6.070  3.762   19.236  1.00 0.00 ? 1  G A H1     1 
ATOM 30  H H21    . G A 1 1  ? -8.238  3.257   19.175  1.00 0.00 ? 1  G A H21    1 
ATOM 31  H H22    . G A 1 1  ? -8.799  1.658   18.743  1.00 0.00 ? 1  G A H22    1 
ATOM 32  H "HO5'" . G A 1 1  ? -2.707  -3.529  19.457  1.00 0.00 ? 1  G A "HO5'" 1 
ATOM 33  P P      . G A 1 2  ? -4.030  -5.243  15.126  1.00 0.00 ? 2  G A P      1 
ATOM 34  O OP1    . G A 1 2  ? -3.915  -6.654  14.694  1.00 0.00 ? 2  G A OP1    1 
ATOM 35  O OP2    . G A 1 2  ? -2.881  -4.326  14.960  1.00 0.00 ? 2  G A OP2    1 
ATOM 36  O "O5'"  . G A 1 2  ? -5.305  -4.592  14.382  1.00 0.00 ? 2  G A "O5'"  1 
ATOM 37  C "C5'"  . G A 1 2  ? -6.462  -5.378  14.077  1.00 0.00 ? 2  G A "C5'"  1 
ATOM 38  C "C4'"  . G A 1 2  ? -7.645  -4.498  13.676  1.00 0.00 ? 2  G A "C4'"  1 
ATOM 39  O "O4'"  . G A 1 2  ? -7.669  -3.346  14.527  1.00 0.00 ? 2  G A "O4'"  1 
ATOM 40  C "C3'"  . G A 1 2  ? -7.560  -3.920  12.271  1.00 0.00 ? 2  G A "C3'"  1 
ATOM 41  O "O3'"  . G A 1 2  ? -8.290  -4.785  11.399  1.00 0.00 ? 2  G A "O3'"  1 
ATOM 42  C "C2'"  . G A 1 2  ? -8.353  -2.632  12.385  1.00 0.00 ? 2  G A "C2'"  1 
ATOM 43  O "O2'"  . G A 1 2  ? -9.757  -2.899  12.334  1.00 0.00 ? 2  G A "O2'"  1 
ATOM 44  C "C1'"  . G A 1 2  ? -7.948  -2.155  13.774  1.00 0.00 ? 2  G A "C1'"  1 
ATOM 45  N N9     . G A 1 2  ? -6.714  -1.352  13.730  1.00 0.00 ? 2  G A N9     1 
ATOM 46  C C8     . G A 1 2  ? -5.437  -1.751  14.021  1.00 0.00 ? 2  G A C8     1 
ATOM 47  N N7     . G A 1 2  ? -4.541  -0.823  13.839  1.00 0.00 ? 2  G A N7     1 
ATOM 48  C C5     . G A 1 2  ? -5.276  0.271   13.396  1.00 0.00 ? 2  G A C5     1 
ATOM 49  C C6     . G A 1 2  ? -4.842  1.577   13.034  1.00 0.00 ? 2  G A C6     1 
ATOM 50  O O6     . G A 1 2  ? -3.698  2.032   13.031  1.00 0.00 ? 2  G A O6     1 
ATOM 51  N N1     . G A 1 2  ? -5.904  2.374   12.643  1.00 0.00 ? 2  G A N1     1 
ATOM 52  C C2     . G A 1 2  ? -7.222  1.977   12.604  1.00 0.00 ? 2  G A C2     1 
ATOM 53  N N2     . G A 1 2  ? -8.114  2.882   12.203  1.00 0.00 ? 2  G A N2     1 
ATOM 54  N N3     . G A 1 2  ? -7.641  0.755   12.943  1.00 0.00 ? 2  G A N3     1 
ATOM 55  C C4     . G A 1 2  ? -6.614  -0.042  13.327  1.00 0.00 ? 2  G A C4     1 
ATOM 56  H "H5'"  . G A 1 2  ? -6.735  -5.966  14.953  1.00 0.00 ? 2  G A "H5'"  1 
ATOM 57  H "H5''" . G A 1 2  ? -6.227  -6.053  13.254  1.00 0.00 ? 2  G A "H5''" 1 
ATOM 58  H "H4'"  . G A 1 2  ? -8.570  -5.060  13.808  1.00 0.00 ? 2  G A "H4'"  1 
ATOM 59  H "H3'"  . G A 1 2  ? -6.536  -3.768  11.927  1.00 0.00 ? 2  G A "H3'"  1 
ATOM 60  H "H2'"  . G A 1 2  ? -8.058  -1.918  11.621  1.00 0.00 ? 2  G A "H2'"  1 
ATOM 61  H "HO2'" . G A 1 2  ? -9.997  -3.330  13.158  1.00 0.00 ? 2  G A "HO2'" 1 
ATOM 62  H "H1'"  . G A 1 2  ? -8.745  -1.587  14.255  1.00 0.00 ? 2  G A "H1'"  1 
ATOM 63  H H8     . G A 1 2  ? -5.197  -2.757  14.365  1.00 0.00 ? 2  G A H8     1 
ATOM 64  H H1     . G A 1 2  ? -5.686  3.315   12.355  1.00 0.00 ? 2  G A H1     1 
ATOM 65  H H21    . G A 1 2  ? -7.822  3.831   12.013  1.00 0.00 ? 2  G A H21    1 
ATOM 66  H H22    . G A 1 2  ? -9.083  2.621   12.088  1.00 0.00 ? 2  G A H22    1 
ATOM 67  P P      . C A 1 3  ? -8.219  -4.571  9.803   1.00 0.00 ? 3  C A P      1 
ATOM 68  O OP1    . C A 1 3  ? -9.364  -5.280  9.191   1.00 0.00 ? 3  C A OP1    1 
ATOM 69  O OP2    . C A 1 3  ? -6.840  -4.872  9.357   1.00 0.00 ? 3  C A OP2    1 
ATOM 70  O "O5'"  . C A 1 3  ? -8.465  -2.985  9.645   1.00 0.00 ? 3  C A "O5'"  1 
ATOM 71  C "C5'"  . C A 1 3  ? -9.738  -2.498  9.213   1.00 0.00 ? 3  C A "C5'"  1 
ATOM 72  C "C4'"  . C A 1 3  ? -9.752  -0.975  9.063   1.00 0.00 ? 3  C A "C4'"  1 
ATOM 73  O "O4'"  . C A 1 3  ? -8.916  -0.376  10.052  1.00 0.00 ? 3  C A "O4'"  1 
ATOM 74  C "C3'"  . C A 1 3  ? -9.185  -0.449  7.763   1.00 0.00 ? 3  C A "C3'"  1 
ATOM 75  O "O3'"  . C A 1 3  ? -10.259 -0.413  6.820   1.00 0.00 ? 3  C A "O3'"  1 
ATOM 76  C "C2'"  . C A 1 3  ? -8.839  0.994   8.107   1.00 0.00 ? 3  C A "C2'"  1 
ATOM 77  O "O2'"  . C A 1 3  ? -9.991  1.829   7.972   1.00 0.00 ? 3  C A "O2'"  1 
ATOM 78  C "C1'"  . C A 1 3  ? -8.423  0.892   9.581   1.00 0.00 ? 3  C A "C1'"  1 
ATOM 79  N N1     . C A 1 3  ? -6.953  0.940   9.763   1.00 0.00 ? 3  C A N1     1 
ATOM 80  C C2     . C A 1 3  ? -6.347  2.190   9.789   1.00 0.00 ? 3  C A C2     1 
ATOM 81  O O2     . C A 1 3  ? -7.023  3.206   9.643   1.00 0.00 ? 3  C A O2     1 
ATOM 82  N N3     . C A 1 3  ? -5.001  2.262   9.977   1.00 0.00 ? 3  C A N3     1 
ATOM 83  C C4     . C A 1 3  ? -4.273  1.150   10.134  1.00 0.00 ? 3  C A C4     1 
ATOM 84  N N4     . C A 1 3  ? -2.960  1.286   10.313  1.00 0.00 ? 3  C A N4     1 
ATOM 85  C C5     . C A 1 3  ? -4.888  -0.141  10.107  1.00 0.00 ? 3  C A C5     1 
ATOM 86  C C6     . C A 1 3  ? -6.221  -0.200  9.919   1.00 0.00 ? 3  C A C6     1 
ATOM 87  H "H5'"  . C A 1 3  ? -10.493 -2.792  9.943   1.00 0.00 ? 3  C A "H5'"  1 
ATOM 88  H "H5''" . C A 1 3  ? -9.982  -2.950  8.252   1.00 0.00 ? 3  C A "H5''" 1 
ATOM 89  H "H4'"  . C A 1 3  ? -10.774 -0.617  9.202   1.00 0.00 ? 3  C A "H4'"  1 
ATOM 90  H "H3'"  . C A 1 3  ? -8.335  -1.025  7.393   1.00 0.00 ? 3  C A "H3'"  1 
ATOM 91  H "H2'"  . C A 1 3  ? -8.015  1.359   7.491   1.00 0.00 ? 3  C A "H2'"  1 
ATOM 92  H "HO2'" . C A 1 3  ? -9.946  2.240   7.106   1.00 0.00 ? 3  C A "HO2'" 1 
ATOM 93  H "H1'"  . C A 1 3  ? -8.885  1.690   10.165  1.00 0.00 ? 3  C A "H1'"  1 
ATOM 94  H H41    . C A 1 3  ? -2.534  2.201   10.252  1.00 0.00 ? 3  C A H41    1 
ATOM 95  H H42    . C A 1 3  ? -2.390  0.475   10.507  1.00 0.00 ? 3  C A H42    1 
ATOM 96  H H5     . C A 1 3  ? -4.307  -1.051  10.241  1.00 0.00 ? 3  C A H5     1 
ATOM 97  H H6     . C A 1 3  ? -6.716  -1.169  9.879   1.00 0.00 ? 3  C A H6     1 
ATOM 98  P P      . G A 1 4  ? -9.962  -0.370  5.239   1.00 0.00 ? 4  G A P      1 
ATOM 99  O OP1    . G A 1 4  ? -11.131 -0.941  4.532   1.00 0.00 ? 4  G A OP1    1 
ATOM 100 O OP2    . G A 1 4  ? -8.612  -0.932  5.006   1.00 0.00 ? 4  G A OP2    1 
ATOM 101 O "O5'"  . G A 1 4  ? -9.910  1.209   4.935   1.00 0.00 ? 4  G A "O5'"  1 
ATOM 102 C "C5'"  . G A 1 4  ? -11.098 2.002   4.996   1.00 0.00 ? 4  G A "C5'"  1 
ATOM 103 C "C4'"  . G A 1 4  ? -10.812 3.459   4.656   1.00 0.00 ? 4  G A "C4'"  1 
ATOM 104 O "O4'"  . G A 1 4  ? -9.791  3.949   5.528   1.00 0.00 ? 4  G A "O4'"  1 
ATOM 105 C "C3'"  . G A 1 4  ? -10.263 3.683   3.257   1.00 0.00 ? 4  G A "C3'"  1 
ATOM 106 O "O3'"  . G A 1 4  ? -11.372 4.037   2.425   1.00 0.00 ? 4  G A "O3'"  1 
ATOM 107 C "C2'"  . G A 1 4  ? -9.398  4.927   3.397   1.00 0.00 ? 4  G A "C2'"  1 
ATOM 108 O "O2'"  . G A 1 4  ? -10.188 6.106   3.223   1.00 0.00 ? 4  G A "O2'"  1 
ATOM 109 C "C1'"  . G A 1 4  ? -8.892  4.831   4.837   1.00 0.00 ? 4  G A "C1'"  1 
ATOM 110 N N9     . G A 1 4  ? -7.527  4.276   4.922   1.00 0.00 ? 4  G A N9     1 
ATOM 111 C C8     . G A 1 4  ? -7.147  2.976   5.139   1.00 0.00 ? 4  G A C8     1 
ATOM 112 N N7     . G A 1 4  ? -5.856  2.806   5.174   1.00 0.00 ? 4  G A N7     1 
ATOM 113 C C5     . G A 1 4  ? -5.342  4.081   4.965   1.00 0.00 ? 4  G A C5     1 
ATOM 114 C C6     . G A 1 4  ? -3.992  4.517   4.899   1.00 0.00 ? 4  G A C6     1 
ATOM 115 O O6     . G A 1 4  ? -2.970  3.843   5.004   1.00 0.00 ? 4  G A O6     1 
ATOM 116 N N1     . G A 1 4  ? -3.902  5.882   4.674   1.00 0.00 ? 4  G A N1     1 
ATOM 117 C C2     . G A 1 4  ? -4.977  6.730   4.529   1.00 0.00 ? 4  G A C2     1 
ATOM 118 N N2     . G A 1 4  ? -4.706  8.023   4.319   1.00 0.00 ? 4  G A N2     1 
ATOM 119 N N3     . G A 1 4  ? -6.253  6.331   4.588   1.00 0.00 ? 4  G A N3     1 
ATOM 120 C C4     . G A 1 4  ? -6.357  4.994   4.809   1.00 0.00 ? 4  G A C4     1 
ATOM 121 H "H5'"  . G A 1 4  ? -11.513 1.945   6.003   1.00 0.00 ? 4  G A "H5'"  1 
ATOM 122 H "H5''" . G A 1 4  ? -11.826 1.606   4.287   1.00 0.00 ? 4  G A "H5''" 1 
ATOM 123 H "H4'"  . G A 1 4  ? -11.720 4.043   4.809   1.00 0.00 ? 4  G A "H4'"  1 
ATOM 124 H "H3'"  . G A 1 4  ? -9.721  2.822   2.864   1.00 0.00 ? 4  G A "H3'"  1 
ATOM 125 H "H2'"  . G A 1 4  ? -8.571  4.901   2.693   1.00 0.00 ? 4  G A "H2'"  1 
ATOM 126 H "HO2'" . G A 1 4  ? -11.063 5.918   3.569   1.00 0.00 ? 4  G A "HO2'" 1 
ATOM 127 H "H1'"  . G A 1 4  ? -8.907  5.805   5.316   1.00 0.00 ? 4  G A "H1'"  1 
ATOM 128 H H8     . G A 1 4  ? -7.859  2.162   5.276   1.00 0.00 ? 4  G A H8     1 
ATOM 129 H H1     . G A 1 4  ? -2.975  6.278   4.615   1.00 0.00 ? 4  G A H1     1 
ATOM 130 H H21    . G A 1 4  ? -3.748  8.329   4.193   1.00 0.00 ? 4  G A H21    1 
ATOM 131 H H22    . G A 1 4  ? -5.458  8.696   4.284   1.00 0.00 ? 4  G A H22    1 
ATOM 132 P P      . A A 1 5  ? -11.303 3.811   0.832   1.00 0.00 ? 5  A A P      1 
ATOM 133 O OP1    . A A 1 5  ? -11.306 5.137   0.172   1.00 0.00 ? 5  A A OP1    1 
ATOM 134 O OP2    . A A 1 5  ? -12.318 2.800   0.462   1.00 0.00 ? 5  A A OP2    1 
ATOM 135 O "O5'"  . A A 1 5  ? -9.847  3.155   0.640   1.00 0.00 ? 5  A A "O5'"  1 
ATOM 136 C "C5'"  . A A 1 5  ? -8.978  3.584   -0.413  1.00 0.00 ? 5  A A "C5'"  1 
ATOM 137 C "C4'"  . A A 1 5  ? -8.578  5.066   -0.241  1.00 0.00 ? 5  A A "C4'"  1 
ATOM 138 O "O4'"  . A A 1 5  ? -8.047  5.247   1.076   1.00 0.00 ? 5  A A "O4'"  1 
ATOM 139 C "C3'"  . A A 1 5  ? -7.513  5.624   -1.207  1.00 0.00 ? 5  A A "C3'"  1 
ATOM 140 O "O3'"  . A A 1 5  ? -8.194  6.571   -2.040  1.00 0.00 ? 5  A A "O3'"  1 
ATOM 141 C "C2'"  . A A 1 5  ? -6.556  6.437   -0.340  1.00 0.00 ? 5  A A "C2'"  1 
ATOM 142 O "O2'"  . A A 1 5  ? -6.894  7.826   -0.394  1.00 0.00 ? 5  A A "O2'"  1 
ATOM 143 C "C1'"  . A A 1 5  ? -6.771  5.894   1.065   1.00 0.00 ? 5  A A "C1'"  1 
ATOM 144 N N9     . A A 1 5  ? -5.751  4.906   1.451   1.00 0.00 ? 5  A A N9     1 
ATOM 145 C C8     . A A 1 5  ? -5.910  3.565   1.653   1.00 0.00 ? 5  A A C8     1 
ATOM 146 N N7     . A A 1 5  ? -4.813  2.949   1.988   1.00 0.00 ? 5  A A N7     1 
ATOM 147 C C5     . A A 1 5  ? -3.861  3.959   2.013   1.00 0.00 ? 5  A A C5     1 
ATOM 148 C C6     . A A 1 5  ? -2.489  3.963   2.301   1.00 0.00 ? 5  A A C6     1 
ATOM 149 N N6     . A A 1 5  ? -1.805  2.870   2.640   1.00 0.00 ? 5  A A N6     1 
ATOM 150 N N1     . A A 1 5  ? -1.840  5.135   2.236   1.00 0.00 ? 5  A A N1     1 
ATOM 151 C C2     . A A 1 5  ? -2.516  6.229   1.905   1.00 0.00 ? 5  A A C2     1 
ATOM 152 N N3     . A A 1 5  ? -3.801  6.358   1.610   1.00 0.00 ? 5  A A N3     1 
ATOM 153 C C4     . A A 1 5  ? -4.420  5.161   1.687   1.00 0.00 ? 5  A A C4     1 
ATOM 154 H "H5'"  . A A 1 5  ? -9.494  3.458   -1.366  1.00 0.00 ? 5  A A "H5'"  1 
ATOM 155 H "H5''" . A A 1 5  ? -8.093  2.947   -0.396  1.00 0.00 ? 5  A A "H5''" 1 
ATOM 156 H "H4'"  . A A 1 5  ? -9.486  5.664   -0.319  1.00 0.00 ? 5  A A "H4'"  1 
ATOM 157 H "H3'"  . A A 1 5  ? -6.996  4.877   -1.808  1.00 0.00 ? 5  A A "H3'"  1 
ATOM 158 H "H2'"  . A A 1 5  ? -5.526  6.274   -0.652  1.00 0.00 ? 5  A A "H2'"  1 
ATOM 159 H "HO2'" . A A 1 5  ? -7.403  8.027   0.395   1.00 0.00 ? 5  A A "HO2'" 1 
ATOM 160 H "H1'"  . A A 1 5  ? -6.776  6.704   1.793   1.00 0.00 ? 5  A A "H1'"  1 
ATOM 161 H H8     . A A 1 5  ? -6.869  3.067   1.560   1.00 0.00 ? 5  A A H8     1 
ATOM 162 H H61    . A A 1 5  ? -0.808  2.925   2.789   1.00 0.00 ? 5  A A H61    1 
ATOM 163 H H62    . A A 1 5  ? -2.284  1.986   2.744   1.00 0.00 ? 5  A A H62    1 
ATOM 164 H H2     . A A 1 5  ? -1.933  7.149   1.880   1.00 0.00 ? 5  A A H2     1 
ATOM 165 P P      . A A 1 6  ? -8.092  6.482   -3.645  1.00 0.00 ? 6  A A P      1 
ATOM 166 O OP1    . A A 1 6  ? -9.273  7.162   -4.223  1.00 0.00 ? 6  A A OP1    1 
ATOM 167 O OP2    . A A 1 6  ? -7.791  5.081   -4.014  1.00 0.00 ? 6  A A OP2    1 
ATOM 168 O "O5'"  . A A 1 6  ? -6.793  7.378   -3.962  1.00 0.00 ? 6  A A "O5'"  1 
ATOM 169 C "C5'"  . A A 1 6  ? -5.547  6.758   -4.293  1.00 0.00 ? 6  A A "C5'"  1 
ATOM 170 C "C4'"  . A A 1 6  ? -4.365  7.633   -3.894  1.00 0.00 ? 6  A A "C4'"  1 
ATOM 171 O "O4'"  . A A 1 6  ? -4.077  7.442   -2.504  1.00 0.00 ? 6  A A "O4'"  1 
ATOM 172 C "C3'"  . A A 1 6  ? -3.061  7.292   -4.590  1.00 0.00 ? 6  A A "C3'"  1 
ATOM 173 O "O3'"  . A A 1 6  ? -2.985  8.106   -5.763  1.00 0.00 ? 6  A A "O3'"  1 
ATOM 174 C "C2'"  . A A 1 6  ? -2.016  7.804   -3.614  1.00 0.00 ? 6  A A "C2'"  1 
ATOM 175 O "O2'"  . A A 1 6  ? -1.854  9.218   -3.742  1.00 0.00 ? 6  A A "O2'"  1 
ATOM 176 C "C1'"  . A A 1 6  ? -2.657  7.455   -2.271  1.00 0.00 ? 6  A A "C1'"  1 
ATOM 177 N N9     . A A 1 6  ? -2.246  6.123   -1.787  1.00 0.00 ? 6  A A N9     1 
ATOM 178 C C8     . A A 1 6  ? -2.999  4.983   -1.669  1.00 0.00 ? 6  A A C8     1 
ATOM 179 N N7     . A A 1 6  ? -2.330  3.959   -1.215  1.00 0.00 ? 6  A A N7     1 
ATOM 180 C C5     . A A 1 6  ? -1.048  4.459   -1.020  1.00 0.00 ? 6  A A C5     1 
ATOM 181 C C6     . A A 1 6  ? 0.140   3.875   -0.552  1.00 0.00 ? 6  A A C6     1 
ATOM 182 N N6     . A A 1 6  ? 0.235   2.601   -0.171  1.00 0.00 ? 6  A A N6     1 
ATOM 183 N N1     . A A 1 6  ? 1.233   4.653   -0.482  1.00 0.00 ? 6  A A N1     1 
ATOM 184 C C2     . A A 1 6  ? 1.144   5.925   -0.852  1.00 0.00 ? 6  A A C2     1 
ATOM 185 N N3     . A A 1 6  ? 0.093   6.589   -1.306  1.00 0.00 ? 6  A A N3     1 
ATOM 186 C C4     . A A 1 6  ? -0.985  5.779   -1.364  1.00 0.00 ? 6  A A C4     1 
ATOM 187 H "H5'"  . A A 1 6  ? -5.512  6.581   -5.368  1.00 0.00 ? 6  A A "H5'"  1 
ATOM 188 H "H5''" . A A 1 6  ? -5.474  5.803   -3.773  1.00 0.00 ? 6  A A "H5''" 1 
ATOM 189 H "H4'"  . A A 1 6  ? -4.626  8.677   -4.063  1.00 0.00 ? 6  A A "H4'"  1 
ATOM 190 H "H3'"  . A A 1 6  ? -2.957  6.232   -4.820  1.00 0.00 ? 6  A A "H3'"  1 
ATOM 191 H "H2'"  . A A 1 6  ? -1.068  7.281   -3.744  1.00 0.00 ? 6  A A "H2'"  1 
ATOM 192 H "HO2'" . A A 1 6  ? -2.400  9.503   -4.479  1.00 0.00 ? 6  A A "HO2'" 1 
ATOM 193 H "H1'"  . A A 1 6  ? -2.418  8.205   -1.516  1.00 0.00 ? 6  A A "H1'"  1 
ATOM 194 H H8     . A A 1 6  ? -4.056  4.937   -1.928  1.00 0.00 ? 6  A A H8     1 
ATOM 195 H H61    . A A 1 6  ? 1.129   2.222   0.102   1.00 0.00 ? 6  A A H61    1 
ATOM 196 H H62    . A A 1 6  ? -0.589  2.016   -0.156  1.00 0.00 ? 6  A A H62    1 
ATOM 197 H H2     . A A 1 6  ? 2.065   6.502   -0.769  1.00 0.00 ? 6  A A H2     1 
ATOM 198 P P      . G A 1 7  ? -2.778  7.434   -7.212  1.00 0.00 ? 7  G A P      1 
ATOM 199 O OP1    . G A 1 7  ? -3.138  8.432   -8.243  1.00 0.00 ? 7  G A OP1    1 
ATOM 200 O OP2    . G A 1 7  ? -3.436  6.108   -7.205  1.00 0.00 ? 7  G A OP2    1 
ATOM 201 O "O5'"  . G A 1 7  ? -1.187  7.205   -7.265  1.00 0.00 ? 7  G A "O5'"  1 
ATOM 202 C "C5'"  . G A 1 7  ? -0.300  8.324   -7.320  1.00 0.00 ? 7  G A "C5'"  1 
ATOM 203 C "C4'"  . G A 1 7  ? 1.078   7.979   -6.770  1.00 0.00 ? 7  G A "C4'"  1 
ATOM 204 O "O4'"  . G A 1 7  ? 0.950   7.426   -5.459  1.00 0.00 ? 7  G A "O4'"  1 
ATOM 205 C "C3'"  . G A 1 7  ? 1.818   6.899   -7.530  1.00 0.00 ? 7  G A "C3'"  1 
ATOM 206 O "O3'"  . G A 1 7  ? 2.566   7.540   -8.566  1.00 0.00 ? 7  G A "O3'"  1 
ATOM 207 C "C2'"  . G A 1 7  ? 2.817   6.392   -6.502  1.00 0.00 ? 7  G A "C2'"  1 
ATOM 208 O "O2'"  . G A 1 7  ? 3.975   7.229   -6.470  1.00 0.00 ? 7  G A "O2'"  1 
ATOM 209 C "C1'"  . G A 1 7  ? 2.030   6.511   -5.195  1.00 0.00 ? 7  G A "C1'"  1 
ATOM 210 N N9     . G A 1 7  ? 1.471   5.213   -4.772  1.00 0.00 ? 7  G A N9     1 
ATOM 211 C C8     . G A 1 7  ? 0.165   4.798   -4.784  1.00 0.00 ? 7  G A C8     1 
ATOM 212 N N7     . G A 1 7  ? 0.000   3.576   -4.357  1.00 0.00 ? 7  G A N7     1 
ATOM 213 C C5     . G A 1 7  ? 1.286   3.153   -4.042  1.00 0.00 ? 7  G A C5     1 
ATOM 214 C C6     . G A 1 7  ? 1.737   1.904   -3.529  1.00 0.00 ? 7  G A C6     1 
ATOM 215 O O6     . G A 1 7  ? 1.070   0.910   -3.248  1.00 0.00 ? 7  G A O6     1 
ATOM 216 N N1     . G A 1 7  ? 3.112   1.889   -3.353  1.00 0.00 ? 7  G A N1     1 
ATOM 217 C C2     . G A 1 7  ? 3.955   2.941   -3.632  1.00 0.00 ? 7  G A C2     1 
ATOM 218 N N2     . G A 1 7  ? 5.255   2.753   -3.403  1.00 0.00 ? 7  G A N2     1 
ATOM 219 N N3     . G A 1 7  ? 3.542   4.118   -4.114  1.00 0.00 ? 7  G A N3     1 
ATOM 220 C C4     . G A 1 7  ? 2.199   4.150   -4.294  1.00 0.00 ? 7  G A C4     1 
ATOM 221 H "H5'"  . G A 1 7  ? -0.722  9.141   -6.735  1.00 0.00 ? 7  G A "H5'"  1 
ATOM 222 H "H5''" . G A 1 7  ? -0.198  8.645   -8.357  1.00 0.00 ? 7  G A "H5''" 1 
ATOM 223 H "H4'"  . G A 1 7  ? 1.676   8.889   -6.716  1.00 0.00 ? 7  G A "H4'"  1 
ATOM 224 H "H3'"  . G A 1 7  ? 1.165   6.120   -7.922  1.00 0.00 ? 7  G A "H3'"  1 
ATOM 225 H "H2'"  . G A 1 7  ? 3.083   5.355   -6.698  1.00 0.00 ? 7  G A "H2'"  1 
ATOM 226 H "HO2'" . G A 1 7  ? 3.934   7.743   -5.660  1.00 0.00 ? 7  G A "HO2'" 1 
ATOM 227 H "H1'"  . G A 1 7  ? 2.656   6.912   -4.398  1.00 0.00 ? 7  G A "H1'"  1 
ATOM 228 H H8     . G A 1 7  ? -0.655  5.428   -5.123  1.00 0.00 ? 7  G A H8     1 
ATOM 229 H H1     . G A 1 7  ? 3.520   1.037   -2.992  1.00 0.00 ? 7  G A H1     1 
ATOM 230 H H21    . G A 1 7  ? 5.581   1.868   -3.042  1.00 0.00 ? 7  G A H21    1 
ATOM 231 H H22    . G A 1 7  ? 5.913   3.497   -3.589  1.00 0.00 ? 7  G A H22    1 
ATOM 232 P P      . U A 1 8  ? 3.048   6.705   -9.855  1.00 0.00 ? 8  U A P      1 
ATOM 233 O OP1    . U A 1 8  ? 3.931   7.572   -10.667 1.00 0.00 ? 8  U A OP1    1 
ATOM 234 O OP2    . U A 1 8  ? 1.857   6.078   -10.472 1.00 0.00 ? 8  U A OP2    1 
ATOM 235 O "O5'"  . U A 1 8  ? 3.945   5.540   -9.202  1.00 0.00 ? 8  U A "O5'"  1 
ATOM 236 C "C5'"  . U A 1 8  ? 5.285   5.807   -8.778  1.00 0.00 ? 8  U A "C5'"  1 
ATOM 237 C "C4'"  . U A 1 8  ? 6.131   4.537   -8.768  1.00 0.00 ? 8  U A "C4'"  1 
ATOM 238 O "O4'"  . U A 1 8  ? 5.911   3.837   -7.542  1.00 0.00 ? 8  U A "O4'"  1 
ATOM 239 C "C3'"  . U A 1 8  ? 5.767   3.521   -9.835  1.00 0.00 ? 8  U A "C3'"  1 
ATOM 240 O "O3'"  . U A 1 8  ? 6.606   3.764   -10.968 1.00 0.00 ? 8  U A "O3'"  1 
ATOM 241 C "C2'"  . U A 1 8  ? 6.219   2.202   -9.235  1.00 0.00 ? 8  U A "C2'"  1 
ATOM 242 O "O2'"  . U A 1 8  ? 7.596   1.963   -9.532  1.00 0.00 ? 8  U A "O2'"  1 
ATOM 243 C "C1'"  . U A 1 8  ? 6.034   2.418   -7.737  1.00 0.00 ? 8  U A "C1'"  1 
ATOM 244 N N1     . U A 1 8  ? 4.809   1.752   -7.230  1.00 0.00 ? 8  U A N1     1 
ATOM 245 C C2     . U A 1 8  ? 4.942   0.492   -6.662  1.00 0.00 ? 8  U A C2     1 
ATOM 246 O O2     . U A 1 8  ? 6.030   -0.068  -6.547  1.00 0.00 ? 8  U A O2     1 
ATOM 247 N N3     . U A 1 8  ? 3.775   -0.103  -6.230  1.00 0.00 ? 8  U A N3     1 
ATOM 248 C C4     . U A 1 8  ? 2.506   0.439   -6.310  1.00 0.00 ? 8  U A C4     1 
ATOM 249 O O4     . U A 1 8  ? 1.538   -0.194  -5.892  1.00 0.00 ? 8  U A O4     1 
ATOM 250 C C5     . U A 1 8  ? 2.449   1.753   -6.911  1.00 0.00 ? 8  U A C5     1 
ATOM 251 C C6     . U A 1 8  ? 3.586   2.356   -7.344  1.00 0.00 ? 8  U A C6     1 
ATOM 252 H "H5'"  . U A 1 8  ? 5.262   6.226   -7.771  1.00 0.00 ? 8  U A "H5'"  1 
ATOM 253 H "H5''" . U A 1 8  ? 5.734   6.532   -9.456  1.00 0.00 ? 8  U A "H5''" 1 
ATOM 254 H "H4'"  . U A 1 8  ? 7.184   4.808   -8.838  1.00 0.00 ? 8  U A "H4'"  1 
ATOM 255 H "H3'"  . U A 1 8  ? 4.710   3.536   -10.103 1.00 0.00 ? 8  U A "H3'"  1 
ATOM 256 H "H2'"  . U A 1 8  ? 5.591   1.388   -9.582  1.00 0.00 ? 8  U A "H2'"  1 
ATOM 257 H "HO2'" . U A 1 8  ? 8.086   2.062   -8.712  1.00 0.00 ? 8  U A "HO2'" 1 
ATOM 258 H "H1'"  . U A 1 8  ? 6.909   2.057   -7.192  1.00 0.00 ? 8  U A "H1'"  1 
ATOM 259 H H3     . U A 1 8  ? 3.856   -1.023  -5.817  1.00 0.00 ? 8  U A H3     1 
ATOM 260 H H5     . U A 1 8  ? 1.490   2.261   -7.016  1.00 0.00 ? 8  U A H5     1 
ATOM 261 H H6     . U A 1 8  ? 3.521   3.343   -7.797  1.00 0.00 ? 8  U A H6     1 
ATOM 262 P P      . C A 1 9  ? 6.507   2.823   -12.274 1.00 0.00 ? 9  C A P      1 
ATOM 263 O OP1    . C A 1 9  ? 7.394   3.384   -13.317 1.00 0.00 ? 9  C A OP1    1 
ATOM 264 O OP2    . C A 1 9  ? 5.075   2.594   -12.571 1.00 0.00 ? 9  C A OP2    1 
ATOM 265 O "O5'"  . C A 1 9  ? 7.145   1.431   -11.769 1.00 0.00 ? 9  C A "O5'"  1 
ATOM 266 C "C5'"  . C A 1 9  ? 8.552   1.192   -11.885 1.00 0.00 ? 9  C A "C5'"  1 
ATOM 267 C "C4'"  . C A 1 9  ? 8.975   -0.096  -11.176 1.00 0.00 ? 9  C A "C4'"  1 
ATOM 268 O "O4'"  . C A 1 9  ? 8.197   -0.270  -9.985  1.00 0.00 ? 9  C A "O4'"  1 
ATOM 269 C "C3'"  . C A 1 9  ? 8.724   -1.373  -11.959 1.00 0.00 ? 9  C A "C3'"  1 
ATOM 270 O "O3'"  . C A 1 9  ? 9.900   -1.638  -12.726 1.00 0.00 ? 9  C A "O3'"  1 
ATOM 271 C "C2'"  . C A 1 9  ? 8.651   -2.423  -10.863 1.00 0.00 ? 9  C A "C2'"  1 
ATOM 272 O "O2'"  . C A 1 9  ? 9.963   -2.789  -10.429 1.00 0.00 ? 9  C A "O2'"  1 
ATOM 273 C "C1'"  . C A 1 9  ? 7.911   -1.665  -9.761  1.00 0.00 ? 9  C A "C1'"  1 
ATOM 274 N N1     . C A 1 9  ? 6.446   -1.861  -9.839  1.00 0.00 ? 9  C A N1     1 
ATOM 275 C C2     . C A 1 9  ? 5.884   -2.915  -9.129  1.00 0.00 ? 9  C A C2     1 
ATOM 276 O O2     . C A 1 9  ? 6.597   -3.649  -8.447  1.00 0.00 ? 9  C A O2     1 
ATOM 277 N N3     . C A 1 9  ? 4.539   -3.109  -9.204  1.00 0.00 ? 9  C A N3     1 
ATOM 278 C C4     . C A 1 9  ? 3.773   -2.302  -9.948  1.00 0.00 ? 9  C A C4     1 
ATOM 279 N N4     . C A 1 9  ? 2.462   -2.542  -9.982  1.00 0.00 ? 9  C A N4     1 
ATOM 280 C C5     . C A 1 9  ? 4.346   -1.216  -10.681 1.00 0.00 ? 9  C A C5     1 
ATOM 281 C C6     . C A 1 9  ? 5.676   -1.034  -10.598 1.00 0.00 ? 9  C A C6     1 
ATOM 282 H "H5'"  . C A 1 9  ? 9.089   2.034   -11.447 1.00 0.00 ? 9  C A "H5'"  1 
ATOM 283 H "H5''" . C A 1 9  ? 8.811   1.117   -12.941 1.00 0.00 ? 9  C A "H5''" 1 
ATOM 284 H "H4'"  . C A 1 9  ? 10.028  -0.021  -10.902 1.00 0.00 ? 9  C A "H4'"  1 
ATOM 285 H "H3'"  . C A 1 9  ? 7.830   -1.332  -12.582 1.00 0.00 ? 9  C A "H3'"  1 
ATOM 286 H "H2'"  . C A 1 9  ? 8.083   -3.294  -11.191 1.00 0.00 ? 9  C A "H2'"  1 
ATOM 287 H "HO2'" . C A 1 9  ? 10.314  -2.050  -9.925  1.00 0.00 ? 9  C A "HO2'" 1 
ATOM 288 H "H1'"  . C A 1 9  ? 8.275   -1.953  -8.772  1.00 0.00 ? 9  C A "H1'"  1 
ATOM 289 H H41    . C A 1 9  ? 2.080   -3.331  -9.480  1.00 0.00 ? 9  C A H41    1 
ATOM 290 H H42    . C A 1 9  ? 1.852   -1.936  -10.510 1.00 0.00 ? 9  C A H42    1 
ATOM 291 H H5     . C A 1 9  ? 3.732   -0.552  -11.292 1.00 0.00 ? 9  C A H5     1 
ATOM 292 H H6     . C A 1 9  ? 6.145   -0.211  -11.136 1.00 0.00 ? 9  C A H6     1 
ATOM 293 P P      . G A 1 10 ? 9.781   -2.162  -14.244 1.00 0.00 ? 10 G A P      1 
ATOM 294 O OP1    . G A 1 10 ? 11.148  -2.306  -14.793 1.00 0.00 ? 10 G A OP1    1 
ATOM 295 O OP2    . G A 1 10 ? 8.787   -1.323  -14.949 1.00 0.00 ? 10 G A OP2    1 
ATOM 296 O "O5'"  . G A 1 10 ? 9.156   -3.635  -14.058 1.00 0.00 ? 10 G A "O5'"  1 
ATOM 297 C "C5'"  . G A 1 10 ? 9.998   -4.789  -14.115 1.00 0.00 ? 10 G A "C5'"  1 
ATOM 298 C "C4'"  . G A 1 10 ? 9.187   -6.079  -14.054 1.00 0.00 ? 10 G A "C4'"  1 
ATOM 299 O "O4'"  . G A 1 10 ? 8.323   -6.039  -12.918 1.00 0.00 ? 10 G A "O4'"  1 
ATOM 300 C "C3'"  . G A 1 10 ? 8.241   -6.297  -15.221 1.00 0.00 ? 10 G A "C3'"  1 
ATOM 301 O "O3'"  . G A 1 10 ? 8.955   -7.050  -16.207 1.00 0.00 ? 10 G A "O3'"  1 
ATOM 302 C "C2'"  . G A 1 10 ? 7.179   -7.218  -14.640 1.00 0.00 ? 10 G A "C2'"  1 
ATOM 303 O "O2'"  . G A 1 10 ? 7.595   -8.583  -14.734 1.00 0.00 ? 10 G A "O2'"  1 
ATOM 304 C "C1'"  . G A 1 10 ? 7.116   -6.777  -13.173 1.00 0.00 ? 10 G A "C1'"  1 
ATOM 305 N N9     . G A 1 10 ? 5.959   -5.903  -12.901 1.00 0.00 ? 10 G A N9     1 
ATOM 306 C C8     . G A 1 10 ? 5.805   -4.570  -13.184 1.00 0.00 ? 10 G A C8     1 
ATOM 307 N N7     . G A 1 10 ? 4.649   -4.088  -12.826 1.00 0.00 ? 10 G A N7     1 
ATOM 308 C C5     . G A 1 10 ? 3.989   -5.176  -12.266 1.00 0.00 ? 10 G A C5     1 
ATOM 309 C C6     . G A 1 10 ? 2.687   -5.261  -11.699 1.00 0.00 ? 10 G A C6     1 
ATOM 310 O O6     . G A 1 10 ? 1.846   -4.372  -11.582 1.00 0.00 ? 10 G A O6     1 
ATOM 311 N N1     . G A 1 10 ? 2.409   -6.541  -11.248 1.00 0.00 ? 10 G A N1     1 
ATOM 312 C C2     . G A 1 10 ? 3.271   -7.611  -11.328 1.00 0.00 ? 10 G A C2     1 
ATOM 313 N N2     . G A 1 10 ? 2.837   -8.774  -10.841 1.00 0.00 ? 10 G A N2     1 
ATOM 314 N N3     . G A 1 10 ? 4.495   -7.544  -11.858 1.00 0.00 ? 10 G A N3     1 
ATOM 315 C C4     . G A 1 10 ? 4.784   -6.296  -12.305 1.00 0.00 ? 10 G A C4     1 
ATOM 316 H "H5'"  . G A 1 10 ? 10.691  -4.765  -13.273 1.00 0.00 ? 10 G A "H5'"  1 
ATOM 317 H "H5''" . G A 1 10 ? 10.567  -4.769  -15.045 1.00 0.00 ? 10 G A "H5''" 1 
ATOM 318 H "H4'"  . G A 1 10 ? 9.871   -6.922  -13.953 1.00 0.00 ? 10 G A "H4'"  1 
ATOM 319 H "H3'"  . G A 1 10 ? 7.837   -5.371  -15.629 1.00 0.00 ? 10 G A "H3'"  1 
ATOM 320 H "H2'"  . G A 1 10 ? 6.219   -7.066  -15.134 1.00 0.00 ? 10 G A "H2'"  1 
ATOM 321 H "HO2'" . G A 1 10 ? 7.719   -8.905  -13.838 1.00 0.00 ? 10 G A "HO2'" 1 
ATOM 322 H "H1'"  . G A 1 10 ? 7.076   -7.641  -12.510 1.00 0.00 ? 10 G A "H1'"  1 
ATOM 323 H H8     . G A 1 10 ? 6.579   -3.969  -13.663 1.00 0.00 ? 10 G A H8     1 
ATOM 324 H H1     . G A 1 10 ? 1.502   -6.695  -10.831 1.00 0.00 ? 10 G A H1     1 
ATOM 325 H H21    . G A 1 10 ? 1.911   -8.841  -10.442 1.00 0.00 ? 10 G A H21    1 
ATOM 326 H H22    . G A 1 10 ? 3.434   -9.588  -10.871 1.00 0.00 ? 10 G A H22    1 
ATOM 327 P P      . A A 1 11 ? 8.890   -6.632  -17.762 1.00 0.00 ? 11 A A P      1 
ATOM 328 O OP1    . A A 1 11 ? 10.102  -7.159  -18.432 1.00 0.00 ? 11 A A OP1    1 
ATOM 329 O OP2    . A A 1 11 ? 8.572   -5.191  -17.840 1.00 0.00 ? 11 A A OP2    1 
ATOM 330 O "O5'"  . A A 1 11 ? 7.617   -7.461  -18.300 1.00 0.00 ? 11 A A "O5'"  1 
ATOM 331 C "C5'"  . A A 1 11 ? 6.805   -6.936  -19.357 1.00 0.00 ? 11 A A "C5'"  1 
ATOM 332 C "C4'"  . A A 1 11 ? 5.650   -7.872  -19.702 1.00 0.00 ? 11 A A "C4'"  1 
ATOM 333 O "O4'"  . A A 1 11 ? 6.152   -9.205  -19.870 1.00 0.00 ? 11 A A "O4'"  1 
ATOM 334 C "C3'"  . A A 1 11 ? 4.590   -7.997  -18.620 1.00 0.00 ? 11 A A "C3'"  1 
ATOM 335 O "O3'"  . A A 1 11 ? 3.546   -7.078  -18.950 1.00 0.00 ? 11 A A "O3'"  1 
ATOM 336 C "C2'"  . A A 1 11 ? 4.034   -9.395  -18.827 1.00 0.00 ? 11 A A "C2'"  1 
ATOM 337 O "O2'"  . A A 1 11 ? 3.050   -9.396  -19.865 1.00 0.00 ? 11 A A "O2'"  1 
ATOM 338 C "C1'"  . A A 1 11 ? 5.277   -10.168 -19.259 1.00 0.00 ? 11 A A "C1'"  1 
ATOM 339 N N9     . A A 1 11 ? 5.976   -10.780 -18.115 1.00 0.00 ? 11 A A N9     1 
ATOM 340 C C8     . A A 1 11 ? 6.947   -10.237 -17.314 1.00 0.00 ? 11 A A C8     1 
ATOM 341 N N7     . A A 1 11 ? 7.366   -11.042 -16.377 1.00 0.00 ? 11 A A N7     1 
ATOM 342 C C5     . A A 1 11 ? 6.617   -12.198 -16.574 1.00 0.00 ? 11 A A C5     1 
ATOM 343 C C6     . A A 1 11 ? 6.583   -13.434 -15.910 1.00 0.00 ? 11 A A C6     1 
ATOM 344 N N6     . A A 1 11 ? 7.352   -13.732 -14.864 1.00 0.00 ? 11 A A N6     1 
ATOM 345 N N1     . A A 1 11 ? 5.725   -14.362 -16.363 1.00 0.00 ? 11 A A N1     1 
ATOM 346 C C2     . A A 1 11 ? 4.955   -14.076 -17.405 1.00 0.00 ? 11 A A C2     1 
ATOM 347 N N3     . A A 1 11 ? 4.893   -12.959 -18.113 1.00 0.00 ? 11 A A N3     1 
ATOM 348 C C4     . A A 1 11 ? 5.766   -12.049 -17.632 1.00 0.00 ? 11 A A C4     1 
ATOM 349 H "H5'"  . A A 1 11 ? 7.423   -6.794  -20.243 1.00 0.00 ? 11 A A "H5'"  1 
ATOM 350 H "H5''" . A A 1 11 ? 6.400   -5.972  -19.048 1.00 0.00 ? 11 A A "H5''" 1 
ATOM 351 H "H4'"  . A A 1 11 ? 5.200   -7.545  -20.639 1.00 0.00 ? 11 A A "H4'"  1 
ATOM 352 H "H3'"  . A A 1 11 ? 4.976   -7.828  -17.615 1.00 0.00 ? 11 A A "H3'"  1 
ATOM 353 H "H2'"  . A A 1 11 ? 3.627   -9.795  -17.898 1.00 0.00 ? 11 A A "H2'"  1 
ATOM 354 H "HO2'" . A A 1 11 ? 2.243   -9.033  -19.493 1.00 0.00 ? 11 A A "HO2'" 1 
ATOM 355 H "H1'"  . A A 1 11 ? 5.024   -10.940 -19.985 1.00 0.00 ? 11 A A "H1'"  1 
ATOM 356 H H8     . A A 1 11 ? 7.333   -9.226  -17.448 1.00 0.00 ? 11 A A H8     1 
ATOM 357 H H61    . A A 1 11 ? 7.267   -14.633 -14.416 1.00 0.00 ? 11 A A H61    1 
ATOM 358 H H62    . A A 1 11 ? 8.018   -13.056 -14.516 1.00 0.00 ? 11 A A H62    1 
ATOM 359 H H2     . A A 1 11 ? 4.280   -14.870 -17.722 1.00 0.00 ? 11 A A H2     1 
ATOM 360 P P      . A A 1 12 ? 2.468   -6.641  -17.839 1.00 0.00 ? 12 A A P      1 
ATOM 361 O OP1    . A A 1 12 ? 1.637   -5.555  -18.404 1.00 0.00 ? 12 A A OP1    1 
ATOM 362 O OP2    . A A 1 12 ? 3.181   -6.435  -16.559 1.00 0.00 ? 12 A A OP2    1 
ATOM 363 O "O5'"  . A A 1 12 ? 1.552   -7.958  -17.702 1.00 0.00 ? 12 A A "O5'"  1 
ATOM 364 C "C5'"  . A A 1 12 ? 1.045   -8.360  -16.426 1.00 0.00 ? 12 A A "C5'"  1 
ATOM 365 C "C4'"  . A A 1 12 ? 0.652   -9.835  -16.418 1.00 0.00 ? 12 A A "C4'"  1 
ATOM 366 O "O4'"  . A A 1 12 ? 1.826   -10.632 -16.495 1.00 0.00 ? 12 A A "O4'"  1 
ATOM 367 C "C3'"  . A A 1 12 ? -0.018  -10.310 -15.143 1.00 0.00 ? 12 A A "C3'"  1 
ATOM 368 O "O3'"  . A A 1 12 ? -1.430  -10.202 -15.350 1.00 0.00 ? 12 A A "O3'"  1 
ATOM 369 C "C2'"  . A A 1 12 ? 0.310   -11.802 -15.084 1.00 0.00 ? 12 A A "C2'"  1 
ATOM 370 O "O2'"  . A A 1 12 ? -0.758  -12.566 -15.651 1.00 0.00 ? 12 A A "O2'"  1 
ATOM 371 C "C1'"  . A A 1 12 ? 1.573   -11.931 -15.947 1.00 0.00 ? 12 A A "C1'"  1 
ATOM 372 N N9     . A A 1 12 ? 2.746   -12.343 -15.156 1.00 0.00 ? 12 A A N9     1 
ATOM 373 C C8     . A A 1 12 ? 3.884   -11.633 -14.874 1.00 0.00 ? 12 A A C8     1 
ATOM 374 N N7     . A A 1 12 ? 4.740   -12.286 -14.138 1.00 0.00 ? 12 A A N7     1 
ATOM 375 C C5     . A A 1 12 ? 4.122   -13.513 -13.920 1.00 0.00 ? 12 A A C5     1 
ATOM 376 C C6     . A A 1 12 ? 4.509   -14.661 -13.209 1.00 0.00 ? 12 A A C6     1 
ATOM 377 N N6     . A A 1 12 ? 5.664   -14.768 -12.554 1.00 0.00 ? 12 A A N6     1 
ATOM 378 N N1     . A A 1 12 ? 3.661   -15.702 -13.195 1.00 0.00 ? 12 A A N1     1 
ATOM 379 C C2     . A A 1 12 ? 2.507   -15.603 -13.843 1.00 0.00 ? 12 A A C2     1 
ATOM 380 N N3     . A A 1 12 ? 2.029   -14.586 -14.543 1.00 0.00 ? 12 A A N3     1 
ATOM 381 C C4     . A A 1 12 ? 2.905   -13.559 -14.536 1.00 0.00 ? 12 A A C4     1 
ATOM 382 H "H5'"  . A A 1 12 ? 0.169   -7.758  -16.185 1.00 0.00 ? 12 A A "H5'"  1 
ATOM 383 H "H5''" . A A 1 12 ? 1.812   -8.192  -15.670 1.00 0.00 ? 12 A A "H5''" 1 
ATOM 384 H "H4'"  . A A 1 12 ? 0.023   -10.040 -17.285 1.00 0.00 ? 12 A A "H4'"  1 
ATOM 385 H "H3'"  . A A 1 12 ? 0.305   -9.764  -14.257 1.00 0.00 ? 12 A A "H3'"  1 
ATOM 386 H "H2'"  . A A 1 12 ? 0.510   -12.113 -14.059 1.00 0.00 ? 12 A A "H2'"  1 
ATOM 387 H "HO2'" . A A 1 12 ? -0.520  -13.493 -15.569 1.00 0.00 ? 12 A A "HO2'" 1 
ATOM 388 H "H1'"  . A A 1 12 ? 1.418   -12.641 -16.759 1.00 0.00 ? 12 A A "H1'"  1 
ATOM 389 H H8     . A A 1 12 ? 4.058   -10.618 -15.232 1.00 0.00 ? 12 A A H8     1 
ATOM 390 H H61    . A A 1 12 ? 5.873   -15.608 -12.034 1.00 0.00 ? 12 A A H61    1 
ATOM 391 H H62    . A A 1 12 ? 6.330   -14.009 -12.576 1.00 0.00 ? 12 A A H62    1 
ATOM 392 H H2     . A A 1 12 ? 1.864   -16.481 -13.791 1.00 0.00 ? 12 A A H2     1 
ATOM 393 P P      . A A 1 13 ? -2.351  -9.368  -14.326 1.00 0.00 ? 13 A A P      1 
ATOM 394 O OP1    . A A 1 13 ? -3.602  -8.996  -15.026 1.00 0.00 ? 13 A A OP1    1 
ATOM 395 O OP2    . A A 1 13 ? -1.514  -8.320  -13.699 1.00 0.00 ? 13 A A OP2    1 
ATOM 396 O "O5'"  . A A 1 13 ? -2.709  -10.464 -13.201 1.00 0.00 ? 13 A A "O5'"  1 
ATOM 397 C "C5'"  . A A 1 13 ? -2.144  -10.380 -11.887 1.00 0.00 ? 13 A A "C5'"  1 
ATOM 398 C "C4'"  . A A 1 13 ? -1.703  -11.749 -11.382 1.00 0.00 ? 13 A A "C4'"  1 
ATOM 399 O "O4'"  . A A 1 13 ? -0.523  -12.150 -12.074 1.00 0.00 ? 13 A A "O4'"  1 
ATOM 400 C "C3'"  . A A 1 13 ? -1.293  -11.787 -9.924  1.00 0.00 ? 13 A A "C3'"  1 
ATOM 401 O "O3'"  . A A 1 13 ? -2.459  -12.127 -9.172  1.00 0.00 ? 13 A A "O3'"  1 
ATOM 402 C "C2'"  . A A 1 13 ? -0.349  -12.981 -9.850  1.00 0.00 ? 13 A A "C2'"  1 
ATOM 403 O "O2'"  . A A 1 13 ? -1.082  -14.181 -9.593  1.00 0.00 ? 13 A A "O2'"  1 
ATOM 404 C "C1'"  . A A 1 13 ? 0.268   -13.022 -11.253 1.00 0.00 ? 13 A A "C1'"  1 
ATOM 405 N N9     . A A 1 13 ? 1.662   -12.540 -11.262 1.00 0.00 ? 13 A A N9     1 
ATOM 406 C C8     . A A 1 13 ? 2.161   -11.366 -11.767 1.00 0.00 ? 13 A A C8     1 
ATOM 407 N N7     . A A 1 13 ? 3.452   -11.241 -11.622 1.00 0.00 ? 13 A A N7     1 
ATOM 408 C C5     . A A 1 13 ? 3.829   -12.415 -10.978 1.00 0.00 ? 13 A A C5     1 
ATOM 409 C C6     . A A 1 13 ? 5.069   -12.900 -10.536 1.00 0.00 ? 13 A A C6     1 
ATOM 410 N N6     . A A 1 13 ? 6.216   -12.237 -10.685 1.00 0.00 ? 13 A A N6     1 
ATOM 411 N N1     . A A 1 13 ? 5.092   -14.101 -9.935  1.00 0.00 ? 13 A A N1     1 
ATOM 412 C C2     . A A 1 13 ? 3.955   -14.769 -9.785  1.00 0.00 ? 13 A A C2     1 
ATOM 413 N N3     . A A 1 13 ? 2.732   -14.424 -10.154 1.00 0.00 ? 13 A A N3     1 
ATOM 414 C C4     . A A 1 13 ? 2.745   -13.214 -10.753 1.00 0.00 ? 13 A A C4     1 
ATOM 415 H "H5'"  . A A 1 13 ? -2.892  -9.973  -11.204 1.00 0.00 ? 13 A A "H5'"  1 
ATOM 416 H "H5''" . A A 1 13 ? -1.281  -9.715  -11.908 1.00 0.00 ? 13 A A "H5''" 1 
ATOM 417 H "H4'"  . A A 1 13 ? -2.495  -12.472 -11.578 1.00 0.00 ? 13 A A "H4'"  1 
ATOM 418 H "H3'"  . A A 1 13 ? -0.843  -10.857 -9.577  1.00 0.00 ? 13 A A "H3'"  1 
ATOM 419 H "H2'"  . A A 1 13 ? 0.420   -12.821 -9.094  1.00 0.00 ? 13 A A "H2'"  1 
ATOM 420 H "HO2'" . A A 1 13 ? -2.003  -13.934 -9.483  1.00 0.00 ? 13 A A "HO2'" 1 
ATOM 421 H "H1'"  . A A 1 13 ? 0.233   -14.031 -11.662 1.00 0.00 ? 13 A A "H1'"  1 
ATOM 422 H H8     . A A 1 13 ? 1.538   -10.609 -12.243 1.00 0.00 ? 13 A A H8     1 
ATOM 423 H H61    . A A 1 13 ? 7.082   -12.647 -10.362 1.00 0.00 ? 13 A A H61    1 
ATOM 424 H H62    . A A 1 13 ? 6.221   -11.327 -11.122 1.00 0.00 ? 13 A A H62    1 
ATOM 425 H H2     . A A 1 13 ? 4.042   -15.736 -9.289  1.00 0.00 ? 13 A A H2     1 
ATOM 426 P P      . G A 1 14 ? -2.619  -11.645 -7.646  1.00 0.00 ? 14 G A P      1 
ATOM 427 O OP1    . G A 1 14 ? -3.181  -12.770 -6.864  1.00 0.00 ? 14 G A OP1    1 
ATOM 428 O OP2    . G A 1 14 ? -3.300  -10.331 -7.644  1.00 0.00 ? 14 G A OP2    1 
ATOM 429 O "O5'"  . G A 1 14 ? -1.093  -11.425 -7.183  1.00 0.00 ? 14 G A "O5'"  1 
ATOM 430 C "C5'"  . G A 1 14 ? -0.422  -12.417 -6.403  1.00 0.00 ? 14 G A "C5'"  1 
ATOM 431 C "C4'"  . G A 1 14 ? 1.006   -11.999 -6.068  1.00 0.00 ? 14 G A "C4'"  1 
ATOM 432 O "O4'"  . G A 1 14 ? 1.581   -11.333 -7.197  1.00 0.00 ? 14 G A "O4'"  1 
ATOM 433 C "C3'"  . G A 1 14 ? 1.126   -10.990 -4.942  1.00 0.00 ? 14 G A "C3'"  1 
ATOM 434 O "O3'"  . G A 1 14 ? 1.314   -11.729 -3.733  1.00 0.00 ? 14 G A "O3'"  1 
ATOM 435 C "C2'"  . G A 1 14 ? 2.439   -10.291 -5.250  1.00 0.00 ? 14 G A "C2'"  1 
ATOM 436 O "O2'"  . G A 1 14 ? 3.544   -11.075 -4.793  1.00 0.00 ? 14 G A "O2'"  1 
ATOM 437 C "C1'"  . G A 1 14 ? 2.415   -10.239 -6.777  1.00 0.00 ? 14 G A "C1'"  1 
ATOM 438 N N9     . G A 1 14 ? 1.837   -8.981  -7.288  1.00 0.00 ? 14 G A N9     1 
ATOM 439 C C8     . G A 1 14 ? 0.550   -8.731  -7.689  1.00 0.00 ? 14 G A C8     1 
ATOM 440 N N7     . G A 1 14 ? 0.359   -7.511  -8.107  1.00 0.00 ? 14 G A N7     1 
ATOM 441 C C5     . G A 1 14 ? 1.606   -6.910  -7.973  1.00 0.00 ? 14 G A C5     1 
ATOM 442 C C6     . G A 1 14 ? 2.015   -5.581  -8.271  1.00 0.00 ? 14 G A C6     1 
ATOM 443 O O6     . G A 1 14 ? 1.340   -4.660  -8.725  1.00 0.00 ? 14 G A O6     1 
ATOM 444 N N1     . G A 1 14 ? 3.358   -5.385  -7.990  1.00 0.00 ? 14 G A N1     1 
ATOM 445 C C2     . G A 1 14 ? 4.207   -6.343  -7.484  1.00 0.00 ? 14 G A C2     1 
ATOM 446 N N2     . G A 1 14 ? 5.473   -5.979  -7.270  1.00 0.00 ? 14 G A N2     1 
ATOM 447 N N3     . G A 1 14 ? 3.834   -7.593  -7.201  1.00 0.00 ? 14 G A N3     1 
ATOM 448 C C4     . G A 1 14 ? 2.522   -7.803  -7.470  1.00 0.00 ? 14 G A C4     1 
ATOM 449 H "H5'"  . G A 1 14 ? -0.400  -13.353 -6.962  1.00 0.00 ? 14 G A "H5'"  1 
ATOM 450 H "H5''" . G A 1 14 ? -0.974  -12.572 -5.474  1.00 0.00 ? 14 G A "H5''" 1 
ATOM 451 H "H4'"  . G A 1 14 ? 1.595   -12.890 -5.846  1.00 0.00 ? 14 G A "H4'"  1 
ATOM 452 H "H3'"  . G A 1 14 ? 0.278   -10.310 -4.877  1.00 0.00 ? 14 G A "H3'"  1 
ATOM 453 H "H2'"  . G A 1 14 ? 2.460   -9.289  -4.822  1.00 0.00 ? 14 G A "H2'"  1 
ATOM 454 H "HO2'" . G A 1 14 ? 4.233   -11.012 -5.458  1.00 0.00 ? 14 G A "HO2'" 1 
ATOM 455 H "H1'"  . G A 1 14 ? 3.415   -10.369 -7.188  1.00 0.00 ? 14 G A "H1'"  1 
ATOM 456 H H8     . G A 1 14 ? -0.239  -9.482  -7.661  1.00 0.00 ? 14 G A H8     1 
ATOM 457 H H1     . G A 1 14 ? 3.736   -4.467  -8.175  1.00 0.00 ? 14 G A H1     1 
ATOM 458 H H21    . G A 1 14 ? 5.758   -5.024  -7.431  1.00 0.00 ? 14 G A H21    1 
ATOM 459 H H22    . G A 1 14 ? 6.145   -6.659  -6.947  1.00 0.00 ? 14 G A H22    1 
ATOM 460 P P      . A A 1 15 ? 1.205   -10.998 -2.305  1.00 0.00 ? 15 A A P      1 
ATOM 461 O OP1    . A A 1 15 ? 1.332   -12.026 -1.248  1.00 0.00 ? 15 A A OP1    1 
ATOM 462 O OP2    . A A 1 15 ? 0.024   -10.105 -2.329  1.00 0.00 ? 15 A A OP2    1 
ATOM 463 O "O5'"  . A A 1 15 ? 2.530   -10.084 -2.279  1.00 0.00 ? 15 A A "O5'"  1 
ATOM 464 C "C5'"  . A A 1 15 ? 3.823   -10.688 -2.217  1.00 0.00 ? 15 A A "C5'"  1 
ATOM 465 C "C4'"  . A A 1 15 ? 4.933   -9.673  -2.466  1.00 0.00 ? 15 A A "C4'"  1 
ATOM 466 O "O4'"  . A A 1 15 ? 4.672   -8.960  -3.680  1.00 0.00 ? 15 A A "O4'"  1 
ATOM 467 C "C3'"  . A A 1 15 ? 5.031   -8.569  -1.437  1.00 0.00 ? 15 A A "C3'"  1 
ATOM 468 O "O3'"  . A A 1 15 ? 5.866   -9.032  -0.370  1.00 0.00 ? 15 A A "O3'"  1 
ATOM 469 C "C2'"  . A A 1 15 ? 5.799   -7.498  -2.194  1.00 0.00 ? 15 A A "C2'"  1 
ATOM 470 O "O2'"  . A A 1 15 ? 7.197   -7.796  -2.206  1.00 0.00 ? 15 A A "O2'"  1 
ATOM 471 C "C1'"  . A A 1 15 ? 5.209   -7.625  -3.598  1.00 0.00 ? 15 A A "C1'"  1 
ATOM 472 N N9     . A A 1 15 ? 4.122   -6.651  -3.836  1.00 0.00 ? 15 A A N9     1 
ATOM 473 C C8     . A A 1 15 ? 2.778   -6.783  -3.583  1.00 0.00 ? 15 A A C8     1 
ATOM 474 N N7     . A A 1 15 ? 2.078   -5.735  -3.922  1.00 0.00 ? 15 A A N7     1 
ATOM 475 C C5     . A A 1 15 ? 3.023   -4.851  -4.429  1.00 0.00 ? 15 A A C5     1 
ATOM 476 C C6     . A A 1 15 ? 2.924   -3.555  -4.958  1.00 0.00 ? 15 A A C6     1 
ATOM 477 N N6     . A A 1 15 ? 1.776   -2.891  -5.080  1.00 0.00 ? 15 A A N6     1 
ATOM 478 N N1     . A A 1 15 ? 4.054   -2.960  -5.370  1.00 0.00 ? 15 A A N1     1 
ATOM 479 C C2     . A A 1 15 ? 5.203   -3.613  -5.261  1.00 0.00 ? 15 A A C2     1 
ATOM 480 N N3     . A A 1 15 ? 5.430   -4.830  -4.787  1.00 0.00 ? 15 A A N3     1 
ATOM 481 C C4     . A A 1 15 ? 4.274   -5.398  -4.382  1.00 0.00 ? 15 A A C4     1 
ATOM 482 H "H5'"  . A A 1 15 ? 3.886   -11.475 -2.970  1.00 0.00 ? 15 A A "H5'"  1 
ATOM 483 H "H5''" . A A 1 15 ? 3.962   -11.130 -1.230  1.00 0.00 ? 15 A A "H5''" 1 
ATOM 484 H "H4'"  . A A 1 15 ? 5.883   -10.199 -2.559  1.00 0.00 ? 15 A A "H4'"  1 
ATOM 485 H "H3'"  . A A 1 15 ? 4.060   -8.229  -1.075  1.00 0.00 ? 15 A A "H3'"  1 
ATOM 486 H "H2'"  . A A 1 15 ? 5.610   -6.509  -1.775  1.00 0.00 ? 15 A A "H2'"  1 
ATOM 487 H "HO2'" . A A 1 15 ? 7.618   -7.222  -1.563  1.00 0.00 ? 15 A A "HO2'" 1 
ATOM 488 H "H1'"  . A A 1 15 ? 5.979   -7.497  -4.359  1.00 0.00 ? 15 A A "H1'"  1 
ATOM 489 H H8     . A A 1 15 ? 2.340   -7.671  -3.129  1.00 0.00 ? 15 A A H8     1 
ATOM 490 H H61    . A A 1 15 ? 1.773   -1.947  -5.440  1.00 0.00 ? 15 A A H61    1 
ATOM 491 H H62    . A A 1 15 ? 0.907   -3.333  -4.812  1.00 0.00 ? 15 A A H62    1 
ATOM 492 H H2     . A A 1 15 ? 6.082   -3.070  -5.603  1.00 0.00 ? 15 A A H2     1 
ATOM 493 P P      . U A 1 16 ? 6.080   -8.108  0.932   1.00 0.00 ? 16 U A P      1 
ATOM 494 O OP1    . U A 1 16 ? 7.491   -8.223  1.363   1.00 0.00 ? 16 U A OP1    1 
ATOM 495 O OP2    . U A 1 16 ? 4.986   -8.390  1.888   1.00 0.00 ? 16 U A OP2    1 
ATOM 496 O "O5'"  . U A 1 16 ? 5.854   -6.640  0.319   1.00 0.00 ? 16 U A "O5'"  1 
ATOM 497 C "C5'"  . U A 1 16 ? 6.141   -5.460  1.062   1.00 0.00 ? 16 U A "C5'"  1 
ATOM 498 C "C4'"  . U A 1 16 ? 6.602   -4.344  0.129   1.00 0.00 ? 16 U A "C4'"  1 
ATOM 499 O "O4'"  . U A 1 16 ? 5.833   -4.396  -1.073  1.00 0.00 ? 16 U A "O4'"  1 
ATOM 500 C "C3'"  . U A 1 16 ? 6.404   -2.937  0.661   1.00 0.00 ? 16 U A "C3'"  1 
ATOM 501 O "O3'"  . U A 1 16 ? 7.654   -2.541  1.228   1.00 0.00 ? 16 U A "O3'"  1 
ATOM 502 C "C2'"  . U A 1 16 ? 6.200   -2.096  -0.595  1.00 0.00 ? 16 U A "C2'"  1 
ATOM 503 O "O2'"  . U A 1 16 ? 7.457   -1.647  -1.105  1.00 0.00 ? 16 U A "O2'"  1 
ATOM 504 C "C1'"  . U A 1 16 ? 5.551   -3.079  -1.572  1.00 0.00 ? 16 U A "C1'"  1 
ATOM 505 N N1     . U A 1 16 ? 4.084   -2.908  -1.658  1.00 0.00 ? 16 U A N1     1 
ATOM 506 C C2     . U A 1 16 ? 3.609   -1.770  -2.282  1.00 0.00 ? 16 U A C2     1 
ATOM 507 O O2     . U A 1 16 ? 4.355   -0.903  -2.734  1.00 0.00 ? 16 U A O2     1 
ATOM 508 N N3     . U A 1 16 ? 2.235   -1.657  -2.370  1.00 0.00 ? 16 U A N3     1 
ATOM 509 C C4     . U A 1 16 ? 1.309   -2.570  -1.895  1.00 0.00 ? 16 U A C4     1 
ATOM 510 O O4     . U A 1 16 ? 0.107   -2.356  -2.035  1.00 0.00 ? 16 U A O4     1 
ATOM 511 C C5     . U A 1 16 ? 1.884   -3.731  -1.254  1.00 0.00 ? 16 U A C5     1 
ATOM 512 C C6     . U A 1 16 ? 3.230   -3.859  -1.158  1.00 0.00 ? 16 U A C6     1 
ATOM 513 H "H5'"  . U A 1 16 ? 6.927   -5.673  1.785   1.00 0.00 ? 16 U A "H5'"  1 
ATOM 514 H "H5''" . U A 1 16 ? 5.242   -5.142  1.589   1.00 0.00 ? 16 U A "H5''" 1 
ATOM 515 H "H4'"  . U A 1 16 ? 7.650   -4.510  -0.119  1.00 0.00 ? 16 U A "H4'"  1 
ATOM 516 H "H3'"  . U A 1 16 ? 5.586   -2.852  1.377   1.00 0.00 ? 16 U A "H3'"  1 
ATOM 517 H "H2'"  . U A 1 16 ? 5.534   -1.257  -0.398  1.00 0.00 ? 16 U A "H2'"  1 
ATOM 518 H "HO2'" . U A 1 16 ? 7.415   -0.689  -1.166  1.00 0.00 ? 16 U A "HO2'" 1 
ATOM 519 H "H1'"  . U A 1 16 ? 5.979   -2.975  -2.570  1.00 0.00 ? 16 U A "H1'"  1 
ATOM 520 H H3     . U A 1 16 ? 1.872   -0.833  -2.826  1.00 0.00 ? 16 U A H3     1 
ATOM 521 H H5     . U A 1 16 ? 1.234   -4.512  -0.859  1.00 0.00 ? 16 U A H5     1 
ATOM 522 H H6     . U A 1 16 ? 3.646   -4.734  -0.662  1.00 0.00 ? 16 U A H6     1 
ATOM 523 P P      . G A 1 17 ? 7.908   -2.626  2.816   1.00 0.00 ? 17 G A P      1 
ATOM 524 O OP1    . G A 1 17 ? 8.987   -3.609  3.064   1.00 0.00 ? 17 G A OP1    1 
ATOM 525 O OP2    . G A 1 17 ? 6.599   -2.779  3.490   1.00 0.00 ? 17 G A OP2    1 
ATOM 526 O "O5'"  . G A 1 17 ? 8.478   -1.155  3.140   1.00 0.00 ? 17 G A "O5'"  1 
ATOM 527 C "C5'"  . G A 1 17 ? 9.784   -0.773  2.700   1.00 0.00 ? 17 G A "C5'"  1 
ATOM 528 C "C4'"  . G A 1 17 ? 9.861   0.719   2.384   1.00 0.00 ? 17 G A "C4'"  1 
ATOM 529 O "O4'"  . G A 1 17 ? 9.260   0.960   1.103   1.00 0.00 ? 17 G A "O4'"  1 
ATOM 530 C "C3'"  . G A 1 17 ? 9.092   1.617   3.341   1.00 0.00 ? 17 G A "C3'"  1 
ATOM 531 O "O3'"  . G A 1 17 ? 10.026  2.091   4.314   1.00 0.00 ? 17 G A "O3'"  1 
ATOM 532 C "C2'"  . G A 1 17 ? 8.712   2.804   2.471   1.00 0.00 ? 17 G A "C2'"  1 
ATOM 533 O "O2'"  . G A 1 17 ? 9.814   3.705   2.342   1.00 0.00 ? 17 G A "O2'"  1 
ATOM 534 C "C1'"  . G A 1 17 ? 8.415   2.123   1.140   1.00 0.00 ? 17 G A "C1'"  1 
ATOM 535 N N9     . G A 1 17 ? 7.010   1.690   1.031   1.00 0.00 ? 17 G A N9     1 
ATOM 536 C C8     . G A 1 17 ? 6.464   0.476   1.350   1.00 0.00 ? 17 G A C8     1 
ATOM 537 N N7     . G A 1 17 ? 5.180   0.403   1.140   1.00 0.00 ? 17 G A N7     1 
ATOM 538 C C5     . G A 1 17 ? 4.851   1.658   0.643   1.00 0.00 ? 17 G A C5     1 
ATOM 539 C C6     . G A 1 17 ? 3.591   2.169   0.232   1.00 0.00 ? 17 G A C6     1 
ATOM 540 O O6     . G A 1 17 ? 2.502   1.600   0.228   1.00 0.00 ? 17 G A O6     1 
ATOM 541 N N1     . G A 1 17 ? 3.692   3.480   -0.203  1.00 0.00 ? 17 G A N1     1 
ATOM 542 C C2     . G A 1 17 ? 4.855   4.213   -0.243  1.00 0.00 ? 17 G A C2     1 
ATOM 543 N N2     . G A 1 17 ? 4.765   5.464   -0.692  1.00 0.00 ? 17 G A N2     1 
ATOM 544 N N3     . G A 1 17 ? 6.046   3.741   0.141   1.00 0.00 ? 17 G A N3     1 
ATOM 545 C C4     . G A 1 17 ? 5.965   2.458   0.571   1.00 0.00 ? 17 G A C4     1 
ATOM 546 H "H5'"  . G A 1 17 ? 10.037  -1.339  1.802   1.00 0.00 ? 17 G A "H5'"  1 
ATOM 547 H "H5''" . G A 1 17 ? 10.505  -1.007  3.483   1.00 0.00 ? 17 G A "H5''" 1 
ATOM 548 H "H4'"  . G A 1 17 ? 10.908  1.015   2.343   1.00 0.00 ? 17 G A "H4'"  1 
ATOM 549 H "H3'"  . G A 1 17 ? 8.235   1.126   3.803   1.00 0.00 ? 17 G A "H3'"  1 
ATOM 550 H "H2'"  . G A 1 17 ? 7.829   3.310   2.859   1.00 0.00 ? 17 G A "H2'"  1 
ATOM 551 H "HO2'" . G A 1 17 ? 9.487   4.586   2.538   1.00 0.00 ? 17 G A "HO2'" 1 
ATOM 552 H "H1'"  . G A 1 17 ? 8.660   2.777   0.302   1.00 0.00 ? 17 G A "H1'"  1 
ATOM 553 H H8     . G A 1 17 ? 7.048   -0.355  1.736   1.00 0.00 ? 17 G A H8     1 
ATOM 554 H H1     . G A 1 17 ? 2.841   3.925   -0.517  1.00 0.00 ? 17 G A H1     1 
ATOM 555 H H21    . G A 1 17 ? 3.885   5.811   -1.044  1.00 0.00 ? 17 G A H21    1 
ATOM 556 H H22    . G A 1 17 ? 5.577   6.064   -0.681  1.00 0.00 ? 17 G A H22    1 
ATOM 557 P P      . G A 1 18 ? 9.518   2.575   5.764   1.00 0.00 ? 18 G A P      1 
ATOM 558 O OP1    . G A 1 18 ? 10.698  2.694   6.652   1.00 0.00 ? 18 G A OP1    1 
ATOM 559 O OP2    . G A 1 18 ? 8.377   1.722   6.164   1.00 0.00 ? 18 G A OP2    1 
ATOM 560 O "O5'"  . G A 1 18 ? 8.961   4.055   5.466   1.00 0.00 ? 18 G A "O5'"  1 
ATOM 561 C "C5'"  . G A 1 18 ? 7.680   4.462   5.954   1.00 0.00 ? 18 G A "C5'"  1 
ATOM 562 C "C4'"  . G A 1 18 ? 7.187   5.721   5.249   1.00 0.00 ? 18 G A "C4'"  1 
ATOM 563 O "O4'"  . G A 1 18 ? 6.875   5.403   3.885   1.00 0.00 ? 18 G A "O4'"  1 
ATOM 564 C "C3'"  . G A 1 18 ? 5.897   6.304   5.805   1.00 0.00 ? 18 G A "C3'"  1 
ATOM 565 O "O3'"  . G A 1 18 ? 6.257   7.318   6.747   1.00 0.00 ? 18 G A "O3'"  1 
ATOM 566 C "C2'"  . G A 1 18 ? 5.295   7.005   4.600   1.00 0.00 ? 18 G A "C2'"  1 
ATOM 567 O "O2'"  . G A 1 18 ? 5.926   8.270   4.386   1.00 0.00 ? 18 G A "O2'"  1 
ATOM 568 C "C1'"  . G A 1 18 ? 5.646   6.032   3.480   1.00 0.00 ? 18 G A "C1'"  1 
ATOM 569 N N9     . G A 1 18 ? 4.615   4.992   3.304   1.00 0.00 ? 18 G A N9     1 
ATOM 570 C C8     . G A 1 18 ? 4.703   3.647   3.556   1.00 0.00 ? 18 G A C8     1 
ATOM 571 N N7     . G A 1 18 ? 3.603   2.994   3.305   1.00 0.00 ? 18 G A N7     1 
ATOM 572 C C5     . G A 1 18 ? 2.725   3.973   2.856   1.00 0.00 ? 18 G A C5     1 
ATOM 573 C C6     . G A 1 18 ? 1.372   3.859   2.434   1.00 0.00 ? 18 G A C6     1 
ATOM 574 O O6     . G A 1 18 ? 0.678   2.848   2.370   1.00 0.00 ? 18 G A O6     1 
ATOM 575 N N1     . G A 1 18 ? 0.849   5.087   2.060   1.00 0.00 ? 18 G A N1     1 
ATOM 576 C C2     . G A 1 18 ? 1.536   6.280   2.084   1.00 0.00 ? 18 G A C2     1 
ATOM 577 N N2     . G A 1 18 ? 0.877   7.364   1.674   1.00 0.00 ? 18 G A N2     1 
ATOM 578 N N3     . G A 1 18 ? 2.806   6.398   2.479   1.00 0.00 ? 18 G A N3     1 
ATOM 579 C C4     . G A 1 18 ? 3.335   5.205   2.850   1.00 0.00 ? 18 G A C4     1 
ATOM 580 H "H5'"  . G A 1 18 ? 7.753   4.659   7.023   1.00 0.00 ? 18 G A "H5'"  1 
ATOM 581 H "H5''" . G A 1 18 ? 6.964   3.657   5.788   1.00 0.00 ? 18 G A "H5''" 1 
ATOM 582 H "H4'"  . G A 1 18 ? 7.982   6.467   5.264   1.00 0.00 ? 18 G A "H4'"  1 
ATOM 583 H "H3'"  . G A 1 18 ? 5.238   5.556   6.245   1.00 0.00 ? 18 G A "H3'"  1 
ATOM 584 H "H2'"  . G A 1 18 ? 4.217   7.110   4.704   1.00 0.00 ? 18 G A "H2'"  1 
ATOM 585 H "HO2'" . G A 1 18 ? 6.654   8.126   3.779   1.00 0.00 ? 18 G A "HO2'" 1 
ATOM 586 H "H1'"  . G A 1 18 ? 5.798   6.556   2.537   1.00 0.00 ? 18 G A "H1'"  1 
ATOM 587 H H8     . G A 1 18 ? 5.606   3.169   3.933   1.00 0.00 ? 18 G A H8     1 
ATOM 588 H H1     . G A 1 18 ? -0.115  5.103   1.759   1.00 0.00 ? 18 G A H1     1 
ATOM 589 H H21    . G A 1 18 ? -0.075  7.282   1.348   1.00 0.00 ? 18 G A H21    1 
ATOM 590 H H22    . G A 1 18 ? 1.331   8.265   1.686   1.00 0.00 ? 18 G A H22    1 
ATOM 591 P P      . C A 1 19 ? 5.196   7.821   7.850   1.00 0.00 ? 19 C A P      1 
ATOM 592 O OP1    . C A 1 19 ? 5.847   8.858   8.679   1.00 0.00 ? 19 C A OP1    1 
ATOM 593 O OP2    . C A 1 19 ? 4.597   6.630   8.493   1.00 0.00 ? 19 C A OP2    1 
ATOM 594 O "O5'"  . C A 1 19 ? 4.063   8.532   6.952   1.00 0.00 ? 19 C A "O5'"  1 
ATOM 595 C "C5'"  . C A 1 19 ? 4.352   9.746   6.255   1.00 0.00 ? 19 C A "C5'"  1 
ATOM 596 C "C4'"  . C A 1 19 ? 3.082   10.429  5.754   1.00 0.00 ? 19 C A "C4'"  1 
ATOM 597 O "O4'"  . C A 1 19 ? 2.462   9.614   4.750   1.00 0.00 ? 19 C A "O4'"  1 
ATOM 598 C "C3'"  . C A 1 19 ? 1.987   10.599  6.788   1.00 0.00 ? 19 C A "C3'"  1 
ATOM 599 O "O3'"  . C A 1 19 ? 2.205   11.837  7.465   1.00 0.00 ? 19 C A "O3'"  1 
ATOM 600 C "C2'"  . C A 1 19 ? 0.757   10.766  5.917   1.00 0.00 ? 19 C A "C2'"  1 
ATOM 601 O "O2'"  . C A 1 19 ? 0.712   12.077  5.349   1.00 0.00 ? 19 C A "O2'"  1 
ATOM 602 C "C1'"  . C A 1 19 ? 1.025   9.719   4.838   1.00 0.00 ? 19 C A "C1'"  1 
ATOM 603 N N1     . C A 1 19 ? 0.468   8.407   5.220   1.00 0.00 ? 19 C A N1     1 
ATOM 604 C C2     . C A 1 19 ? -0.892  8.205   5.029   1.00 0.00 ? 19 C A C2     1 
ATOM 605 O O2     . C A 1 19 ? -1.582  9.067   4.486   1.00 0.00 ? 19 C A O2     1 
ATOM 606 N N3     . C A 1 19 ? -1.439  7.039   5.452   1.00 0.00 ? 19 C A N3     1 
ATOM 607 C C4     . C A 1 19 ? -0.690  6.101   6.034   1.00 0.00 ? 19 C A C4     1 
ATOM 608 N N4     . C A 1 19 ? -1.305  5.000   6.446   1.00 0.00 ? 19 C A N4     1 
ATOM 609 C C5     . C A 1 19 ? 0.713   6.292   6.225   1.00 0.00 ? 19 C A C5     1 
ATOM 610 C C6     . C A 1 19 ? 1.248   7.453   5.807   1.00 0.00 ? 19 C A C6     1 
ATOM 611 H "H5'"  . C A 1 19 ? 4.994   9.522   5.404   1.00 0.00 ? 19 C A "H5'"  1 
ATOM 612 H "H5''" . C A 1 19 ? 4.876   10.424  6.928   1.00 0.00 ? 19 C A "H5''" 1 
ATOM 613 H "H4'"  . C A 1 19 ? 3.348   11.391  5.315   1.00 0.00 ? 19 C A "H4'"  1 
ATOM 614 H "H3'"  . C A 1 19 ? 1.915   9.762   7.483   1.00 0.00 ? 19 C A "H3'"  1 
ATOM 615 H "H2'"  . C A 1 19 ? -0.153  10.537  6.469   1.00 0.00 ? 19 C A "H2'"  1 
ATOM 616 H "HO2'" . C A 1 19 ? -0.214  12.316  5.258   1.00 0.00 ? 19 C A "HO2'" 1 
ATOM 617 H "H1'"  . C A 1 19 ? 0.621   10.028  3.873   1.00 0.00 ? 19 C A "H1'"  1 
ATOM 618 H H41    . C A 1 19 ? -2.315  4.944   6.397   1.00 0.00 ? 19 C A H41    1 
ATOM 619 H H42    . C A 1 19 ? -0.772  4.234   6.831   1.00 0.00 ? 19 C A H42    1 
ATOM 620 H H5     . C A 1 19 ? 1.336   5.528   6.693   1.00 0.00 ? 19 C A H5     1 
ATOM 621 H H6     . C A 1 19 ? 2.313   7.637   5.943   1.00 0.00 ? 19 C A H6     1 
ATOM 622 P P      . G A 1 20 ? 1.760   12.005  9.004   1.00 0.00 ? 20 G A P      1 
ATOM 623 O OP1    . G A 1 20 ? 1.690   13.451  9.311   1.00 0.00 ? 20 G A OP1    1 
ATOM 624 O OP2    . G A 1 20 ? 2.607   11.116  9.830   1.00 0.00 ? 20 G A OP2    1 
ATOM 625 O "O5'"  . G A 1 20 ? 0.259   11.415  9.006   1.00 0.00 ? 20 G A "O5'"  1 
ATOM 626 C "C5'"  . G A 1 20 ? -0.842  12.256  8.653   1.00 0.00 ? 20 G A "C5'"  1 
ATOM 627 C "C4'"  . G A 1 20 ? -2.024  11.458  8.094   1.00 0.00 ? 20 G A "C4'"  1 
ATOM 628 O "O4'"  . G A 1 20 ? -1.550  10.275  7.445   1.00 0.00 ? 20 G A "O4'"  1 
ATOM 629 C "C3'"  . G A 1 20 ? -2.988  10.906  9.124   1.00 0.00 ? 20 G A "C3'"  1 
ATOM 630 O "O3'"  . G A 1 20 ? -3.945  11.931  9.408   1.00 0.00 ? 20 G A "O3'"  1 
ATOM 631 C "C2'"  . G A 1 20 ? -3.705  9.820   8.333   1.00 0.00 ? 20 G A "C2'"  1 
ATOM 632 O "O2'"  . G A 1 20 ? -4.726  10.390  7.509   1.00 0.00 ? 20 G A "O2'"  1 
ATOM 633 C "C1'"  . G A 1 20 ? -2.572  9.260   7.476   1.00 0.00 ? 20 G A "C1'"  1 
ATOM 634 N N9     . G A 1 20 ? -2.033  8.024   8.069   1.00 0.00 ? 20 G A N9     1 
ATOM 635 C C8     . G A 1 20 ? -0.782  7.775   8.576   1.00 0.00 ? 20 G A C8     1 
ATOM 636 N N7     . G A 1 20 ? -0.654  6.580   9.089   1.00 0.00 ? 20 G A N7     1 
ATOM 637 C C5     . G A 1 20 ? -1.907  5.999   8.906   1.00 0.00 ? 20 G A C5     1 
ATOM 638 C C6     . G A 1 20 ? -2.379  4.703   9.259   1.00 0.00 ? 20 G A C6     1 
ATOM 639 O O6     . G A 1 20 ? -1.767  3.793   9.818   1.00 0.00 ? 20 G A O6     1 
ATOM 640 N N1     . G A 1 20 ? -3.705  4.523   8.891   1.00 0.00 ? 20 G A N1     1 
ATOM 641 C C2     . G A 1 20 ? -4.484  5.468   8.262   1.00 0.00 ? 20 G A C2     1 
ATOM 642 N N2     . G A 1 20 ? -5.743  5.130   7.978   1.00 0.00 ? 20 G A N2     1 
ATOM 643 N N3     . G A 1 20 ? -4.051  6.684   7.927   1.00 0.00 ? 20 G A N3     1 
ATOM 644 C C4     . G A 1 20 ? -2.757  6.877   8.279   1.00 0.00 ? 20 G A C4     1 
ATOM 645 H "H5'"  . G A 1 20 ? -0.508  12.976  7.905   1.00 0.00 ? 20 G A "H5'"  1 
ATOM 646 H "H5''" . G A 1 20 ? -1.172  12.797  9.541   1.00 0.00 ? 20 G A "H5''" 1 
ATOM 647 H "H4'"  . G A 1 20 ? -2.557  12.071  7.365   1.00 0.00 ? 20 G A "H4'"  1 
ATOM 648 H "H3'"  . G A 1 20 ? -2.499  10.536  10.026  1.00 0.00 ? 20 G A "H3'"  1 
ATOM 649 H "H2'"  . G A 1 20 ? -4.106  9.046   8.988   1.00 0.00 ? 20 G A "H2'"  1 
ATOM 650 H "HO2'" . G A 1 20 ? -5.374  9.702   7.342   1.00 0.00 ? 20 G A "HO2'" 1 
ATOM 651 H "H1'"  . G A 1 20 ? -2.917  9.058   6.463   1.00 0.00 ? 20 G A "H1'"  1 
ATOM 652 H H8     . G A 1 20 ? 0.026   8.505   8.553   1.00 0.00 ? 20 G A H8     1 
ATOM 653 H H1     . G A 1 20 ? -4.124  3.630   9.104   1.00 0.00 ? 20 G A H1     1 
ATOM 654 H H21    . G A 1 20 ? -6.065  4.190   8.150   1.00 0.00 ? 20 G A H21    1 
ATOM 655 H H22    . G A 1 20 ? -6.373  5.815   7.585   1.00 0.00 ? 20 G A H22    1 
ATOM 656 P P      . C A 1 21 ? -4.227  12.386  10.927  1.00 0.00 ? 21 C A P      1 
ATOM 657 O OP1    . C A 1 21 ? -4.945  13.680  10.898  1.00 0.00 ? 21 C A OP1    1 
ATOM 658 O OP2    . C A 1 21 ? -2.965  12.260  11.690  1.00 0.00 ? 21 C A OP2    1 
ATOM 659 O "O5'"  . C A 1 21 ? -5.248  11.256  11.450  1.00 0.00 ? 21 C A "O5'"  1 
ATOM 660 C "C5'"  . C A 1 21 ? -6.654  11.392  11.235  1.00 0.00 ? 21 C A "C5'"  1 
ATOM 661 C "C4'"  . C A 1 21 ? -7.446  10.344  12.010  1.00 0.00 ? 21 C A "C4'"  1 
ATOM 662 O "O4'"  . C A 1 21 ? -7.298  9.074   11.376  1.00 0.00 ? 21 C A "O4'"  1 
ATOM 663 C "C3'"  . C A 1 21 ? -6.968  10.097  13.423  1.00 0.00 ? 21 C A "C3'"  1 
ATOM 664 O "O3'"  . C A 1 21 ? -7.694  10.987  14.275  1.00 0.00 ? 21 C A "O3'"  1 
ATOM 665 C "C2'"  . C A 1 21 ? -7.470  8.689   13.716  1.00 0.00 ? 21 C A "C2'"  1 
ATOM 666 O "O2'"  . C A 1 21 ? -8.823  8.726   14.178  1.00 0.00 ? 21 C A "O2'"  1 
ATOM 667 C "C1'"  . C A 1 21 ? -7.392  8.015   12.342  1.00 0.00 ? 21 C A "C1'"  1 
ATOM 668 N N1     . C A 1 21 ? -6.204  7.142   12.215  1.00 0.00 ? 21 C A N1     1 
ATOM 669 C C2     . C A 1 21 ? -6.292  5.855   12.729  1.00 0.00 ? 21 C A C2     1 
ATOM 670 O O2     . C A 1 21 ? -7.334  5.470   13.257  1.00 0.00 ? 21 C A O2     1 
ATOM 671 N N3     . C A 1 21 ? -5.210  5.036   12.630  1.00 0.00 ? 21 C A N3     1 
ATOM 672 C C4     . C A 1 21 ? -4.081  5.461   12.050  1.00 0.00 ? 21 C A C4     1 
ATOM 673 N N4     . C A 1 21 ? -3.057  4.610   11.987  1.00 0.00 ? 21 C A N4     1 
ATOM 674 C C5     . C A 1 21 ? -3.981  6.786   11.519  1.00 0.00 ? 21 C A C5     1 
ATOM 675 C C6     . C A 1 21 ? -5.059  7.588   11.622  1.00 0.00 ? 21 C A C6     1 
ATOM 676 H "H5'"  . C A 1 21 ? -6.863  11.280  10.170  1.00 0.00 ? 21 C A "H5'"  1 
ATOM 677 H "H5''" . C A 1 21 ? -6.969  12.385  11.556  1.00 0.00 ? 21 C A "H5''" 1 
ATOM 678 H "H4'"  . C A 1 21 ? -8.500  10.621  12.007  1.00 0.00 ? 21 C A "H4'"  1 
ATOM 679 H "H3'"  . C A 1 21 ? -5.890  10.207  13.543  1.00 0.00 ? 21 C A "H3'"  1 
ATOM 680 H "H2'"  . C A 1 21 ? -6.822  8.186   14.432  1.00 0.00 ? 21 C A "H2'"  1 
ATOM 681 H "HO2'" . C A 1 21 ? -9.195  9.569   13.911  1.00 0.00 ? 21 C A "HO2'" 1 
ATOM 682 H "H1'"  . C A 1 21 ? -8.294  7.433   12.146  1.00 0.00 ? 21 C A "H1'"  1 
ATOM 683 H H41    . C A 1 21 ? -3.168  3.659   12.317  1.00 0.00 ? 21 C A H41    1 
ATOM 684 H H42    . C A 1 21 ? -2.168  4.914   11.611  1.00 0.00 ? 21 C A H42    1 
ATOM 685 H H5     . C A 1 21 ? -3.066  7.144   11.046  1.00 0.00 ? 21 C A H5     1 
ATOM 686 H H6     . C A 1 21 ? -5.016  8.603   11.227  1.00 0.00 ? 21 C A H6     1 
ATOM 687 P P      . C A 1 22 ? -7.056  11.491  15.664  1.00 0.00 ? 22 C A P      1 
ATOM 688 O OP1    . C A 1 22 ? -7.242  12.957  15.754  1.00 0.00 ? 22 C A OP1    1 
ATOM 689 O OP2    . C A 1 22 ? -5.700  10.910  15.787  1.00 0.00 ? 22 C A OP2    1 
ATOM 690 O "O5'"  . C A 1 22 ? -8.004  10.792  16.761  1.00 0.00 ? 22 C A "O5'"  1 
ATOM 691 C "C5'"  . C A 1 22 ? -9.426  10.925  16.682  1.00 0.00 ? 22 C A "C5'"  1 
ATOM 692 C "C4'"  . C A 1 22 ? -10.136 9.718   17.288  1.00 0.00 ? 22 C A "C4'"  1 
ATOM 693 O "O4'"  . C A 1 22 ? -9.723  8.535   16.597  1.00 0.00 ? 22 C A "O4'"  1 
ATOM 694 C "C3'"  . C A 1 22 ? -9.797  9.449   18.746  1.00 0.00 ? 22 C A "C3'"  1 
ATOM 695 O "O3'"  . C A 1 22 ? -10.673 10.182  19.608  1.00 0.00 ? 22 C A "O3'"  1 
ATOM 696 C "C2'"  . C A 1 22 ? -10.064 7.954   18.861  1.00 0.00 ? 22 C A "C2'"  1 
ATOM 697 O "O2'"  . C A 1 22 ? -11.463 7.705   19.021  1.00 0.00 ? 22 C A "O2'"  1 
ATOM 698 C "C1'"  . C A 1 22 ? -9.579  7.436   17.509  1.00 0.00 ? 22 C A "C1'"  1 
ATOM 699 N N1     . C A 1 22 ? -8.160  7.023   17.542  1.00 0.00 ? 22 C A N1     1 
ATOM 700 C C2     . C A 1 22 ? -7.863  5.791   18.105  1.00 0.00 ? 22 C A C2     1 
ATOM 701 O O2     . C A 1 22 ? -8.763  5.082   18.551  1.00 0.00 ? 22 C A O2     1 
ATOM 702 N N3     . C A 1 22 ? -6.562  5.390   18.154  1.00 0.00 ? 22 C A N3     1 
ATOM 703 C C4     . C A 1 22 ? -5.588  6.169   17.664  1.00 0.00 ? 22 C A C4     1 
ATOM 704 N N4     . C A 1 22 ? -4.335  5.723   17.742  1.00 0.00 ? 22 C A N4     1 
ATOM 705 C C5     . C A 1 22 ? -5.887  7.442   17.080  1.00 0.00 ? 22 C A C5     1 
ATOM 706 C C6     . C A 1 22 ? -7.176  7.828   17.040  1.00 0.00 ? 22 C A C6     1 
ATOM 707 H "H5'"  . C A 1 22 ? -9.717  11.020  15.636  1.00 0.00 ? 22 C A "H5'"  1 
ATOM 708 H "H5''" . C A 1 22 ? -9.730  11.823  17.220  1.00 0.00 ? 22 C A "H5''" 1 
ATOM 709 H "H4'"  . C A 1 22 ? -11.211 9.843   17.163  1.00 0.00 ? 22 C A "H4'"  1 
ATOM 710 H "H3'"  . C A 1 22 ? -8.752  9.680   18.955  1.00 0.00 ? 22 C A "H3'"  1 
ATOM 711 H "HO3'" . C A 1 22 ? -11.006 9.568   20.266  1.00 0.00 ? 22 C A "HO3'" 1 
ATOM 712 H "H2'"  . C A 1 22 ? -9.489  7.516   19.676  1.00 0.00 ? 22 C A "H2'"  1 
ATOM 713 H "HO2'" . C A 1 22 ? -11.771 8.259   19.740  1.00 0.00 ? 22 C A "HO2'" 1 
ATOM 714 H "H1'"  . C A 1 22 ? -10.193 6.602   17.169  1.00 0.00 ? 22 C A "H1'"  1 
ATOM 715 H H41    . C A 1 22 ? -4.137  4.855   18.221  1.00 0.00 ? 22 C A H41    1 
ATOM 716 H H42    . C A 1 22 ? -3.583  6.251   17.322  1.00 0.00 ? 22 C A H42    1 
ATOM 717 H H5     . C A 1 22 ? -5.102  8.085   16.682  1.00 0.00 ? 22 C A H5     1 
ATOM 718 H H6     . C A 1 22 ? -7.439  8.792   16.599  1.00 0.00 ? 22 C A H6     1 
# 
